data_7VKJ
#
_entry.id   7VKJ
#
_cell.length_a   89.572
_cell.length_b   102.813
_cell.length_c   107.141
_cell.angle_alpha   90.000
_cell.angle_beta   90.000
_cell.angle_gamma   90.000
#
_symmetry.space_group_name_H-M   'P 21 21 21'
#
loop_
_entity.id
_entity.type
_entity.pdbx_description
1 polymer 'Epithelial splicing regulatory protein 1'
2 water water
#
_entity_poly.entity_id   1
_entity_poly.type   'polypeptide(L)'
_entity_poly.pdbx_seq_one_letter_code
;PVLPQQFVPPTNVRDCIRLRGLPYAATIEDILDFLGEFATDIRTHGVHMVLNHQGRPSGDAFIQMKSADRAFMAAQKCHK
KNMKDRYVEVFQCSAEEMNFVLMGGTLNRN
;
_entity_poly.pdbx_strand_id   A,B,C,D,E,F,G,H
#
# COMPACT_ATOMS: atom_id res chain seq x y z
N PHE A 7 16.49 26.11 23.07
CA PHE A 7 17.01 26.37 21.66
C PHE A 7 15.92 26.04 20.64
N VAL A 8 15.67 26.98 19.72
CA VAL A 8 14.72 26.82 18.58
C VAL A 8 15.52 26.99 17.30
N PRO A 9 15.67 25.93 16.45
CA PRO A 9 16.44 26.09 15.22
C PRO A 9 15.83 27.14 14.31
N PRO A 10 16.67 27.87 13.56
CA PRO A 10 16.19 28.81 12.55
C PRO A 10 15.21 28.13 11.57
N THR A 11 14.23 28.88 11.12
CA THR A 11 13.07 28.39 10.33
C THR A 11 12.78 29.35 9.18
N ASN A 12 13.69 30.24 8.83
CA ASN A 12 13.46 31.28 7.80
C ASN A 12 13.48 30.70 6.40
N VAL A 13 14.26 29.67 6.11
CA VAL A 13 14.33 29.10 4.74
C VAL A 13 13.82 27.65 4.85
N ARG A 14 12.59 27.40 4.42
CA ARG A 14 11.96 26.09 4.64
C ARG A 14 11.99 25.32 3.32
N ASP A 15 13.17 24.86 2.93
CA ASP A 15 13.39 24.16 1.65
C ASP A 15 13.59 22.66 1.83
N CYS A 16 13.26 22.12 2.98
CA CYS A 16 13.32 20.66 3.22
C CYS A 16 11.93 20.14 3.48
N ILE A 17 11.78 18.81 3.32
CA ILE A 17 10.59 18.11 3.77
C ILE A 17 11.00 17.00 4.71
N ARG A 18 10.17 16.79 5.72
CA ARG A 18 10.23 15.65 6.64
C ARG A 18 9.09 14.72 6.26
N LEU A 19 9.38 13.45 6.03
CA LEU A 19 8.37 12.39 5.88
C LEU A 19 8.30 11.71 7.23
N ARG A 20 7.11 11.49 7.76
CA ARG A 20 6.93 10.91 9.09
C ARG A 20 5.92 9.78 9.04
N GLY A 21 6.22 8.67 9.71
CA GLY A 21 5.29 7.53 9.75
C GLY A 21 5.54 6.59 8.60
N LEU A 22 6.74 6.47 8.06
CA LEU A 22 7.07 5.56 6.95
C LEU A 22 6.72 4.13 7.34
N PRO A 23 6.24 3.33 6.36
CA PRO A 23 6.03 1.92 6.59
C PRO A 23 7.36 1.22 6.84
N TYR A 24 7.27 0.14 7.61
CA TYR A 24 8.42 -0.74 7.93
C TYR A 24 9.09 -1.20 6.62
N ALA A 25 8.30 -1.48 5.60
CA ALA A 25 8.82 -2.03 4.32
C ALA A 25 9.20 -0.92 3.34
N ALA A 26 9.22 0.35 3.74
CA ALA A 26 9.55 1.47 2.83
C ALA A 26 10.94 1.32 2.22
N THR A 27 11.01 1.55 0.92
CA THR A 27 12.29 1.60 0.18
C THR A 27 12.49 2.96 -0.45
N ILE A 28 13.71 3.22 -0.91
CA ILE A 28 13.95 4.52 -1.57
C ILE A 28 13.03 4.66 -2.81
N GLU A 29 12.78 3.59 -3.55
CA GLU A 29 11.87 3.62 -4.72
C GLU A 29 10.46 4.03 -4.26
N ASP A 30 10.00 3.49 -3.13
CA ASP A 30 8.67 3.82 -2.61
C ASP A 30 8.60 5.31 -2.25
N ILE A 31 9.67 5.86 -1.66
CA ILE A 31 9.70 7.31 -1.35
C ILE A 31 9.64 8.13 -2.63
N LEU A 32 10.40 7.75 -3.66
CA LEU A 32 10.40 8.55 -4.89
C LEU A 32 9.04 8.44 -5.59
N ASP A 33 8.46 7.25 -5.66
CA ASP A 33 7.12 7.12 -6.28
C ASP A 33 6.08 7.97 -5.54
N PHE A 34 6.17 7.98 -4.20
CA PHE A 34 5.28 8.73 -3.31
C PHE A 34 5.35 10.23 -3.63
N LEU A 35 6.57 10.75 -3.84
CA LEU A 35 6.71 12.18 -4.19
C LEU A 35 6.20 12.51 -5.60
N GLY A 36 6.06 11.55 -6.48
CA GLY A 36 5.54 11.87 -7.83
C GLY A 36 6.43 12.88 -8.54
N GLU A 37 5.83 13.98 -8.99
CA GLU A 37 6.54 14.94 -9.86
C GLU A 37 7.66 15.52 -9.02
N PHE A 38 7.49 15.55 -7.70
CA PHE A 38 8.43 16.25 -6.80
C PHE A 38 9.73 15.47 -6.63
N ALA A 39 9.79 14.23 -7.08
CA ALA A 39 11.09 13.47 -7.04
C ALA A 39 12.16 14.21 -7.84
N THR A 40 11.79 14.92 -8.89
CA THR A 40 12.77 15.63 -9.74
C THR A 40 13.21 16.94 -9.11
N ASP A 41 12.55 17.37 -8.03
CA ASP A 41 12.84 18.67 -7.35
C ASP A 41 13.72 18.44 -6.10
N ILE A 42 14.19 17.22 -5.89
CA ILE A 42 15.16 16.92 -4.81
C ILE A 42 16.49 17.61 -5.12
N ARG A 43 17.07 18.20 -4.08
CA ARG A 43 18.43 18.78 -4.12
C ARG A 43 19.37 17.79 -3.40
N THR A 44 20.59 17.68 -3.85
CA THR A 44 21.60 16.72 -3.42
C THR A 44 21.23 15.32 -3.89
N HIS A 45 22.18 14.44 -3.69
CA HIS A 45 22.00 13.01 -4.04
C HIS A 45 21.73 12.14 -2.83
N GLY A 46 21.20 12.70 -1.77
CA GLY A 46 20.90 11.94 -0.55
C GLY A 46 19.47 12.13 -0.09
N VAL A 47 18.94 11.04 0.43
CA VAL A 47 17.74 11.01 1.30
C VAL A 47 18.19 10.57 2.69
N HIS A 48 17.85 11.30 3.72
CA HIS A 48 18.30 10.98 5.08
C HIS A 48 17.27 10.14 5.80
N MET A 49 17.59 8.90 6.14
CA MET A 49 16.72 8.07 6.98
C MET A 49 17.10 8.32 8.42
N VAL A 50 16.14 8.59 9.27
CA VAL A 50 16.36 9.11 10.64
C VAL A 50 16.31 7.96 11.64
N LEU A 51 17.25 7.98 12.59
CA LEU A 51 17.29 7.08 13.76
C LEU A 51 16.77 7.79 14.98
N ASN A 52 16.12 6.99 15.84
CA ASN A 52 15.66 7.50 17.14
C ASN A 52 16.81 7.52 18.12
N HIS A 53 16.55 7.85 19.39
CA HIS A 53 17.66 8.01 20.36
C HIS A 53 18.14 6.65 20.89
N GLN A 54 17.51 5.56 20.51
CA GLN A 54 18.06 4.22 20.80
C GLN A 54 18.73 3.62 19.56
N GLY A 55 18.96 4.43 18.51
CA GLY A 55 19.66 4.00 17.28
C GLY A 55 18.84 3.09 16.35
N ARG A 56 17.53 3.03 16.52
CA ARG A 56 16.62 2.20 15.70
C ARG A 56 15.86 3.12 14.76
N PRO A 57 15.15 2.58 13.75
CA PRO A 57 14.41 3.47 12.85
C PRO A 57 13.37 4.34 13.57
N SER A 58 13.34 5.62 13.27
CA SER A 58 12.34 6.56 13.83
C SER A 58 11.02 6.52 13.05
N GLY A 59 11.01 6.08 11.79
CA GLY A 59 9.86 6.25 10.90
C GLY A 59 9.96 7.51 10.06
N ASP A 60 11.00 8.32 10.24
CA ASP A 60 11.12 9.62 9.57
C ASP A 60 12.25 9.59 8.55
N ALA A 61 12.15 10.51 7.59
CA ALA A 61 13.21 10.80 6.62
C ALA A 61 13.18 12.29 6.34
N PHE A 62 14.31 12.86 5.98
CA PHE A 62 14.39 14.27 5.55
C PHE A 62 14.95 14.28 4.15
N ILE A 63 14.47 15.19 3.37
CA ILE A 63 14.91 15.47 1.98
C ILE A 63 15.00 16.95 1.74
N GLN A 64 16.13 17.41 1.20
CA GLN A 64 16.23 18.82 0.80
C GLN A 64 15.70 18.98 -0.60
N MET A 65 14.90 19.99 -0.81
CA MET A 65 14.35 20.32 -2.14
C MET A 65 15.06 21.56 -2.73
N LYS A 66 14.78 21.82 -3.98
CA LYS A 66 15.48 22.87 -4.76
C LYS A 66 14.98 24.24 -4.37
N SER A 67 13.88 24.37 -3.65
CA SER A 67 13.36 25.70 -3.23
C SER A 67 12.38 25.51 -2.09
N ALA A 68 12.14 26.57 -1.33
CA ALA A 68 11.11 26.54 -0.28
C ALA A 68 9.72 26.31 -0.89
N ASP A 69 9.42 26.90 -2.03
CA ASP A 69 8.08 26.74 -2.61
C ASP A 69 7.89 25.31 -3.13
N ARG A 70 8.92 24.64 -3.61
CA ARG A 70 8.76 23.24 -4.01
C ARG A 70 8.62 22.35 -2.79
N ALA A 71 9.24 22.67 -1.66
CA ALA A 71 8.96 21.94 -0.40
C ALA A 71 7.52 22.16 0.05
N PHE A 72 7.03 23.39 -0.05
CA PHE A 72 5.62 23.69 0.24
C PHE A 72 4.71 22.85 -0.64
N MET A 73 4.99 22.79 -1.91
CA MET A 73 4.12 22.10 -2.88
C MET A 73 4.20 20.59 -2.68
N ALA A 74 5.35 20.04 -2.33
CA ALA A 74 5.46 18.60 -2.08
C ALA A 74 4.66 18.28 -0.82
N ALA A 75 4.74 19.09 0.22
CA ALA A 75 3.98 18.88 1.45
C ALA A 75 2.49 18.97 1.17
N GLN A 76 2.07 19.95 0.38
N GLN A 76 2.07 19.95 0.38
CA GLN A 76 0.64 20.21 0.07
CA GLN A 76 0.63 20.16 0.13
C GLN A 76 0.06 18.97 -0.62
C GLN A 76 0.08 18.93 -0.58
N LYS A 77 0.78 18.39 -1.57
CA LYS A 77 0.28 17.28 -2.40
C LYS A 77 0.38 15.98 -1.60
N CYS A 78 1.41 15.79 -0.77
CA CYS A 78 1.79 14.45 -0.30
C CYS A 78 1.43 14.23 1.17
N HIS A 79 1.08 15.27 1.91
CA HIS A 79 0.85 15.14 3.37
C HIS A 79 -0.32 14.17 3.61
N LYS A 80 -0.02 13.14 4.38
CA LYS A 80 -0.98 12.05 4.74
C LYS A 80 -1.34 11.20 3.51
N LYS A 81 -0.56 11.22 2.46
CA LYS A 81 -0.76 10.28 1.34
C LYS A 81 -0.37 8.85 1.72
N ASN A 82 -1.09 7.89 1.17
CA ASN A 82 -0.75 6.49 1.42
C ASN A 82 0.63 6.07 0.87
N MET A 83 1.32 5.26 1.63
CA MET A 83 2.45 4.43 1.18
C MET A 83 2.27 3.10 1.92
N LYS A 84 2.08 2.04 1.15
CA LYS A 84 1.91 0.67 1.70
C LYS A 84 0.83 0.71 2.79
N ASP A 85 1.16 0.35 4.02
CA ASP A 85 0.18 0.27 5.10
C ASP A 85 0.13 1.54 5.95
N ARG A 86 0.73 2.63 5.52
CA ARG A 86 0.73 3.88 6.30
C ARG A 86 0.24 5.07 5.52
N TYR A 87 -0.14 6.13 6.21
CA TYR A 87 -0.47 7.45 5.68
C TYR A 87 0.59 8.41 6.23
N VAL A 88 1.47 8.80 5.32
CA VAL A 88 2.78 9.42 5.67
C VAL A 88 2.62 10.93 5.73
N GLU A 89 2.95 11.51 6.88
CA GLU A 89 2.94 12.99 7.03
C GLU A 89 4.12 13.62 6.28
N VAL A 90 3.89 14.78 5.70
CA VAL A 90 4.93 15.53 4.97
C VAL A 90 4.91 16.95 5.49
N PHE A 91 6.03 17.38 6.06
CA PHE A 91 6.18 18.66 6.77
C PHE A 91 7.29 19.48 6.13
N GLN A 92 6.98 20.72 5.78
CA GLN A 92 7.94 21.69 5.25
C GLN A 92 8.78 22.24 6.39
N CYS A 93 10.08 22.17 6.26
CA CYS A 93 11.00 22.54 7.35
C CYS A 93 12.31 23.12 6.79
N SER A 94 13.14 23.65 7.65
CA SER A 94 14.43 24.20 7.27
C SER A 94 15.55 23.18 7.36
N ALA A 95 16.68 23.48 6.71
CA ALA A 95 17.88 22.66 6.82
C ALA A 95 18.44 22.69 8.25
N GLU A 96 18.29 23.80 8.96
CA GLU A 96 18.76 23.82 10.37
C GLU A 96 17.89 22.86 11.22
N GLU A 97 16.57 22.84 10.95
CA GLU A 97 15.68 21.91 11.67
C GLU A 97 16.13 20.47 11.35
N MET A 98 16.33 20.14 10.07
CA MET A 98 16.83 18.82 9.64
C MET A 98 18.15 18.51 10.34
N ASN A 99 19.12 19.42 10.29
CA ASN A 99 20.45 19.08 10.81
C ASN A 99 20.39 19.03 12.34
N PHE A 100 19.53 19.79 12.97
CA PHE A 100 19.33 19.69 14.43
C PHE A 100 18.84 18.28 14.79
N VAL A 101 17.85 17.79 14.06
CA VAL A 101 17.36 16.43 14.34
C VAL A 101 18.48 15.42 14.09
N LEU A 102 19.27 15.61 13.04
CA LEU A 102 20.32 14.61 12.73
C LEU A 102 21.44 14.58 13.81
N MET A 103 21.55 15.60 14.65
CA MET A 103 22.53 15.56 15.76
C MET A 103 21.78 15.26 17.07
N GLY A 104 20.54 14.79 17.03
CA GLY A 104 19.82 14.29 18.21
C GLY A 104 18.83 15.27 18.80
N GLY A 105 18.51 16.35 18.12
CA GLY A 105 17.55 17.37 18.55
C GLY A 105 16.11 16.94 18.35
N THR A 106 15.21 17.67 18.99
CA THR A 106 13.75 17.49 18.89
C THR A 106 13.10 18.74 18.34
N LEU A 107 12.24 18.61 17.34
CA LEU A 107 11.52 19.79 16.80
C LEU A 107 10.26 20.04 17.59
N ASN A 108 9.98 21.28 17.94
CA ASN A 108 8.79 21.62 18.77
C ASN A 108 7.83 22.47 17.96
N ARG A 109 7.87 22.29 16.65
CA ARG A 109 7.05 23.01 15.66
C ARG A 109 6.30 21.92 14.91
N ASN A 110 5.02 22.11 14.58
CA ASN A 110 4.17 21.14 13.85
C ASN A 110 3.38 21.86 12.73
N PHE B 7 26.84 5.17 -36.44
CA PHE B 7 25.68 4.27 -36.73
C PHE B 7 24.39 4.87 -36.17
N VAL B 8 23.35 4.89 -36.99
CA VAL B 8 21.97 5.30 -36.64
C VAL B 8 21.03 4.17 -37.04
N PRO B 9 20.18 3.60 -36.13
CA PRO B 9 19.31 2.50 -36.52
C PRO B 9 18.32 2.97 -37.57
N PRO B 10 17.92 2.09 -38.52
CA PRO B 10 16.88 2.42 -39.47
C PRO B 10 15.55 2.77 -38.80
N THR B 11 14.74 3.61 -39.47
CA THR B 11 13.40 4.10 -39.05
C THR B 11 12.30 3.96 -40.13
N ASN B 12 12.42 3.07 -41.10
CA ASN B 12 11.41 2.96 -42.17
C ASN B 12 10.05 2.58 -41.57
N VAL B 13 10.03 1.66 -40.62
CA VAL B 13 8.78 0.97 -40.18
C VAL B 13 8.58 1.29 -38.69
N ARG B 14 7.78 2.30 -38.36
CA ARG B 14 7.71 2.83 -36.97
C ARG B 14 6.50 2.23 -36.27
N ASP B 15 6.56 0.94 -36.01
CA ASP B 15 5.42 0.16 -35.48
C ASP B 15 5.65 -0.23 -34.03
N CYS B 16 6.60 0.38 -33.36
CA CYS B 16 6.88 0.13 -31.93
C CYS B 16 6.64 1.41 -31.13
N ILE B 17 6.41 1.24 -29.82
CA ILE B 17 6.39 2.42 -28.92
C ILE B 17 7.33 2.19 -27.76
N ARG B 18 7.96 3.24 -27.32
CA ARG B 18 8.78 3.32 -26.10
C ARG B 18 7.99 4.08 -25.04
N LEU B 19 7.86 3.51 -23.86
CA LEU B 19 7.35 4.22 -22.65
C LEU B 19 8.54 4.69 -21.83
N ARG B 20 8.58 5.92 -21.31
CA ARG B 20 9.70 6.43 -20.54
C ARG B 20 9.16 7.14 -19.31
N GLY B 21 9.72 6.85 -18.18
CA GLY B 21 9.32 7.50 -16.94
C GLY B 21 8.31 6.70 -16.15
N LEU B 22 8.26 5.38 -16.34
CA LEU B 22 7.37 4.52 -15.54
C LEU B 22 7.75 4.63 -14.06
N PRO B 23 6.73 4.62 -13.18
CA PRO B 23 7.00 4.52 -11.75
C PRO B 23 7.77 3.24 -11.43
N TYR B 24 8.52 3.26 -10.33
CA TYR B 24 9.32 2.10 -9.92
C TYR B 24 8.39 0.89 -9.69
N ALA B 25 7.23 1.14 -9.12
CA ALA B 25 6.31 0.03 -8.77
C ALA B 25 5.30 -0.28 -9.89
N ALA B 26 5.53 0.14 -11.13
CA ALA B 26 4.56 -0.17 -12.20
C ALA B 26 4.45 -1.68 -12.38
N THR B 27 3.24 -2.14 -12.55
CA THR B 27 2.90 -3.54 -12.83
C THR B 27 2.58 -3.68 -14.31
N ILE B 28 2.53 -4.93 -14.79
CA ILE B 28 2.13 -5.12 -16.19
C ILE B 28 0.69 -4.61 -16.36
N GLU B 29 -0.19 -4.84 -15.38
CA GLU B 29 -1.56 -4.27 -15.45
C GLU B 29 -1.49 -2.74 -15.58
N ASP B 30 -0.61 -2.08 -14.85
CA ASP B 30 -0.59 -0.61 -14.92
C ASP B 30 -0.18 -0.18 -16.32
N ILE B 31 0.77 -0.88 -16.95
CA ILE B 31 1.20 -0.56 -18.32
C ILE B 31 0.07 -0.81 -19.30
N LEU B 32 -0.67 -1.91 -19.17
CA LEU B 32 -1.79 -2.14 -20.12
C LEU B 32 -2.89 -1.10 -19.90
N ASP B 33 -3.21 -0.77 -18.66
CA ASP B 33 -4.23 0.28 -18.38
C ASP B 33 -3.79 1.60 -18.97
N PHE B 34 -2.49 1.90 -18.93
CA PHE B 34 -1.97 3.17 -19.46
C PHE B 34 -2.24 3.20 -20.96
N LEU B 35 -2.01 2.12 -21.67
CA LEU B 35 -2.32 2.03 -23.13
C LEU B 35 -3.82 2.10 -23.41
N GLY B 36 -4.64 1.64 -22.49
CA GLY B 36 -6.10 1.73 -22.62
C GLY B 36 -6.59 0.97 -23.84
N GLU B 37 -7.26 1.66 -24.77
CA GLU B 37 -7.80 0.98 -25.97
C GLU B 37 -6.66 0.46 -26.84
N PHE B 38 -5.43 0.96 -26.67
CA PHE B 38 -4.30 0.51 -27.52
C PHE B 38 -3.67 -0.77 -26.96
N ALA B 39 -4.11 -1.28 -25.82
CA ALA B 39 -3.56 -2.55 -25.32
C ALA B 39 -3.93 -3.69 -26.29
N THR B 40 -5.07 -3.64 -26.97
CA THR B 40 -5.47 -4.73 -27.91
C THR B 40 -4.65 -4.65 -29.20
N ASP B 41 -3.85 -3.60 -29.38
CA ASP B 41 -3.10 -3.37 -30.64
C ASP B 41 -1.64 -3.82 -30.49
N ILE B 42 -1.29 -4.49 -29.40
CA ILE B 42 0.05 -5.10 -29.18
C ILE B 42 0.21 -6.30 -30.10
N ARG B 43 1.32 -6.38 -30.80
CA ARG B 43 1.50 -7.47 -31.78
C ARG B 43 1.97 -8.81 -31.22
N THR B 44 3.04 -8.81 -30.47
CA THR B 44 3.59 -10.10 -29.98
C THR B 44 2.89 -10.40 -28.64
N HIS B 45 3.39 -11.38 -27.94
CA HIS B 45 2.91 -11.70 -26.58
C HIS B 45 3.91 -11.23 -25.56
N GLY B 46 4.68 -10.18 -25.83
CA GLY B 46 5.64 -9.67 -24.84
C GLY B 46 5.66 -8.16 -24.73
N VAL B 47 5.90 -7.66 -23.52
CA VAL B 47 6.24 -6.27 -23.18
C VAL B 47 7.66 -6.28 -22.63
N HIS B 48 8.55 -5.47 -23.19
CA HIS B 48 9.98 -5.49 -22.82
C HIS B 48 10.28 -4.45 -21.76
N MET B 49 10.59 -4.86 -20.56
CA MET B 49 11.01 -3.95 -19.48
C MET B 49 12.51 -3.74 -19.61
N VAL B 50 12.96 -2.50 -19.72
CA VAL B 50 14.33 -2.18 -20.08
C VAL B 50 15.21 -1.99 -18.86
N LEU B 51 16.40 -2.59 -18.91
CA LEU B 51 17.44 -2.43 -17.89
C LEU B 51 18.50 -1.48 -18.42
N ASN B 52 19.10 -0.69 -17.54
CA ASN B 52 20.17 0.24 -17.96
C ASN B 52 21.51 -0.50 -18.02
N HIS B 53 22.59 0.28 -18.21
CA HIS B 53 23.93 -0.31 -18.46
C HIS B 53 24.47 -0.94 -17.19
N GLN B 54 23.89 -0.65 -16.01
CA GLN B 54 24.25 -1.32 -14.73
C GLN B 54 23.30 -2.52 -14.51
N GLY B 55 22.38 -2.84 -15.43
CA GLY B 55 21.43 -3.96 -15.22
C GLY B 55 20.28 -3.58 -14.26
N ARG B 56 20.09 -2.31 -13.99
CA ARG B 56 19.06 -1.86 -13.04
C ARG B 56 17.88 -1.32 -13.84
N PRO B 57 16.70 -1.26 -13.22
CA PRO B 57 15.52 -0.76 -13.95
C PRO B 57 15.70 0.68 -14.46
N SER B 58 15.37 0.91 -15.71
CA SER B 58 15.58 2.21 -16.37
C SER B 58 14.31 3.07 -16.27
N GLY B 59 13.14 2.51 -16.03
CA GLY B 59 11.90 3.28 -16.17
C GLY B 59 11.34 3.27 -17.59
N ASP B 60 12.02 2.61 -18.54
CA ASP B 60 11.57 2.49 -19.95
C ASP B 60 10.98 1.10 -20.18
N ALA B 61 10.13 1.01 -21.20
CA ALA B 61 9.59 -0.24 -21.75
C ALA B 61 9.43 -0.07 -23.24
N PHE B 62 9.57 -1.13 -23.99
CA PHE B 62 9.19 -1.15 -25.40
C PHE B 62 8.09 -2.14 -25.68
N ILE B 63 7.24 -1.81 -26.64
CA ILE B 63 6.11 -2.65 -27.06
C ILE B 63 6.05 -2.60 -28.58
N GLN B 64 5.97 -3.72 -29.22
CA GLN B 64 5.71 -3.76 -30.67
C GLN B 64 4.20 -3.75 -30.93
N MET B 65 3.72 -2.87 -31.80
CA MET B 65 2.31 -2.71 -32.15
C MET B 65 1.98 -3.39 -33.48
N LYS B 66 0.70 -3.50 -33.78
CA LYS B 66 0.18 -4.24 -34.97
C LYS B 66 0.43 -3.47 -36.27
N SER B 67 0.80 -2.20 -36.18
CA SER B 67 1.06 -1.35 -37.38
C SER B 67 1.66 -0.02 -36.97
N ALA B 68 2.29 0.69 -37.86
CA ALA B 68 2.80 2.05 -37.63
C ALA B 68 1.63 3.00 -37.31
N ASP B 69 0.46 2.84 -37.95
CA ASP B 69 -0.68 3.75 -37.70
C ASP B 69 -1.10 3.57 -36.24
N ARG B 70 -1.17 2.34 -35.73
CA ARG B 70 -1.60 2.12 -34.32
C ARG B 70 -0.54 2.63 -33.36
N ALA B 71 0.73 2.50 -33.68
CA ALA B 71 1.80 3.06 -32.84
C ALA B 71 1.68 4.60 -32.82
N PHE B 72 1.46 5.21 -33.99
CA PHE B 72 1.26 6.68 -34.06
C PHE B 72 0.06 7.07 -33.19
N MET B 73 -1.06 6.38 -33.32
CA MET B 73 -2.28 6.77 -32.57
C MET B 73 -2.04 6.56 -31.07
N ALA B 74 -1.32 5.51 -30.68
CA ALA B 74 -1.06 5.29 -29.24
C ALA B 74 -0.20 6.44 -28.71
N ALA B 75 0.86 6.83 -29.39
CA ALA B 75 1.73 7.91 -28.97
C ALA B 75 0.94 9.22 -28.93
N GLN B 76 0.09 9.45 -29.93
CA GLN B 76 -0.70 10.70 -29.97
C GLN B 76 -1.53 10.82 -28.69
N LYS B 77 -2.17 9.72 -28.28
CA LYS B 77 -3.16 9.74 -27.19
C LYS B 77 -2.45 9.65 -25.83
N CYS B 78 -1.38 8.88 -25.71
CA CYS B 78 -0.83 8.50 -24.39
C CYS B 78 0.42 9.30 -24.01
N HIS B 79 1.05 10.01 -24.94
CA HIS B 79 2.28 10.74 -24.61
C HIS B 79 1.98 11.74 -23.48
N LYS B 80 2.73 11.66 -22.40
CA LYS B 80 2.66 12.55 -21.21
C LYS B 80 1.38 12.34 -20.42
N LYS B 81 0.64 11.24 -20.63
CA LYS B 81 -0.43 10.82 -19.71
C LYS B 81 0.15 10.45 -18.34
N ASN B 82 -0.65 10.63 -17.28
CA ASN B 82 -0.30 10.33 -15.86
C ASN B 82 -0.31 8.82 -15.60
N MET B 83 0.69 8.30 -14.89
CA MET B 83 0.63 6.96 -14.27
C MET B 83 1.18 7.19 -12.86
N LYS B 84 0.36 6.97 -11.84
CA LYS B 84 0.73 7.15 -10.41
C LYS B 84 1.44 8.49 -10.19
N ASP B 85 0.92 9.58 -10.74
CA ASP B 85 1.36 10.99 -10.55
C ASP B 85 2.63 11.36 -11.33
N ARG B 86 3.26 10.41 -12.06
CA ARG B 86 4.36 10.71 -13.03
C ARG B 86 3.74 10.81 -14.44
N TYR B 87 4.15 11.79 -15.24
CA TYR B 87 3.77 11.85 -16.67
C TYR B 87 4.75 10.96 -17.44
N VAL B 88 4.21 9.99 -18.14
CA VAL B 88 5.03 8.98 -18.89
C VAL B 88 5.10 9.40 -20.36
N GLU B 89 6.29 9.45 -20.93
CA GLU B 89 6.47 9.81 -22.35
C GLU B 89 6.22 8.58 -23.21
N VAL B 90 5.69 8.78 -24.41
CA VAL B 90 5.39 7.69 -25.37
C VAL B 90 5.95 8.11 -26.72
N PHE B 91 6.86 7.33 -27.26
CA PHE B 91 7.64 7.66 -28.47
C PHE B 91 7.45 6.57 -29.51
N GLN B 92 7.02 6.89 -30.73
CA GLN B 92 6.83 5.96 -31.84
C GLN B 92 8.19 5.66 -32.46
N CYS B 93 8.56 4.39 -32.60
CA CYS B 93 9.91 3.97 -33.02
C CYS B 93 9.85 2.67 -33.79
N SER B 94 10.98 2.34 -34.41
CA SER B 94 11.13 1.10 -35.20
C SER B 94 11.64 -0.03 -34.35
N ALA B 95 11.43 -1.25 -34.86
CA ALA B 95 11.92 -2.46 -34.18
C ALA B 95 13.45 -2.45 -34.14
N GLU B 96 14.11 -1.87 -35.13
CA GLU B 96 15.58 -1.78 -35.12
C GLU B 96 16.06 -0.85 -34.00
N GLU B 97 15.34 0.26 -33.79
CA GLU B 97 15.64 1.15 -32.66
C GLU B 97 15.44 0.44 -31.30
N MET B 98 14.35 -0.31 -31.16
CA MET B 98 14.08 -1.10 -29.94
C MET B 98 15.20 -2.13 -29.72
N ASN B 99 15.52 -2.90 -30.79
CA ASN B 99 16.48 -4.00 -30.62
C ASN B 99 17.89 -3.42 -30.40
N PHE B 100 18.21 -2.26 -30.95
CA PHE B 100 19.48 -1.59 -30.70
C PHE B 100 19.60 -1.27 -29.21
N VAL B 101 18.52 -0.71 -28.64
CA VAL B 101 18.56 -0.39 -27.19
C VAL B 101 18.67 -1.68 -26.39
N LEU B 102 17.99 -2.75 -26.78
CA LEU B 102 18.05 -4.00 -25.99
C LEU B 102 19.44 -4.66 -26.03
N MET B 103 20.29 -4.34 -27.02
CA MET B 103 21.70 -4.78 -26.99
C MET B 103 22.63 -3.71 -26.42
N GLY B 104 22.13 -2.64 -25.81
CA GLY B 104 22.99 -1.67 -25.08
C GLY B 104 23.15 -0.36 -25.83
N GLY B 105 22.48 -0.18 -26.95
CA GLY B 105 22.57 1.08 -27.70
C GLY B 105 21.85 2.23 -27.03
N THR B 106 22.21 3.45 -27.42
CA THR B 106 21.53 4.70 -27.01
C THR B 106 20.88 5.33 -28.24
N LEU B 107 19.58 5.57 -28.20
CA LEU B 107 18.84 6.22 -29.29
C LEU B 107 19.03 7.72 -29.20
N ASN B 108 19.55 8.32 -30.26
CA ASN B 108 19.69 9.79 -30.35
C ASN B 108 18.45 10.43 -30.96
N ARG B 109 17.62 9.69 -31.72
CA ARG B 109 16.34 10.26 -32.29
C ARG B 109 15.33 10.41 -31.14
N ASN B 110 14.70 11.58 -30.98
CA ASN B 110 13.79 11.85 -29.83
C ASN B 110 12.75 12.90 -30.25
N PHE C 7 5.43 -29.81 -33.97
CA PHE C 7 6.70 -28.99 -33.97
C PHE C 7 7.42 -29.18 -32.63
N VAL C 8 8.74 -29.37 -32.67
CA VAL C 8 9.57 -29.60 -31.46
C VAL C 8 10.49 -28.36 -31.37
N PRO C 9 10.21 -27.35 -30.52
CA PRO C 9 11.13 -26.22 -30.36
C PRO C 9 12.51 -26.75 -29.98
N PRO C 10 13.61 -26.31 -30.62
CA PRO C 10 14.93 -26.75 -30.25
C PRO C 10 15.30 -26.41 -28.80
N THR C 11 16.02 -27.32 -28.17
CA THR C 11 16.37 -27.22 -26.71
C THR C 11 17.89 -27.43 -26.53
N ASN C 12 18.72 -27.32 -27.53
CA ASN C 12 20.14 -27.67 -27.35
C ASN C 12 20.85 -26.62 -26.46
N VAL C 13 20.48 -25.36 -26.55
CA VAL C 13 21.15 -24.26 -25.82
C VAL C 13 20.11 -23.66 -24.86
N ARG C 14 20.17 -24.04 -23.59
CA ARG C 14 19.13 -23.60 -22.62
C ARG C 14 19.74 -22.53 -21.72
N ASP C 15 19.79 -21.32 -22.27
CA ASP C 15 20.39 -20.16 -21.58
C ASP C 15 19.36 -19.13 -21.15
N CYS C 16 18.09 -19.45 -21.21
CA CYS C 16 17.00 -18.58 -20.76
C CYS C 16 16.33 -19.20 -19.54
N ILE C 17 15.63 -18.33 -18.78
CA ILE C 17 14.74 -18.80 -17.71
C ILE C 17 13.35 -18.22 -17.96
N ARG C 18 12.37 -19.05 -17.71
CA ARG C 18 10.97 -18.65 -17.58
C ARG C 18 10.58 -18.58 -16.11
N LEU C 19 9.97 -17.49 -15.72
CA LEU C 19 9.34 -17.37 -14.39
C LEU C 19 7.85 -17.57 -14.61
N ARG C 20 7.22 -18.35 -13.75
CA ARG C 20 5.77 -18.69 -13.89
C ARG C 20 5.12 -18.58 -12.53
N GLY C 21 3.92 -18.04 -12.49
CA GLY C 21 3.22 -17.86 -11.21
C GLY C 21 3.57 -16.56 -10.54
N LEU C 22 4.06 -15.56 -11.27
CA LEU C 22 4.36 -14.23 -10.70
C LEU C 22 3.08 -13.66 -10.14
N PRO C 23 3.14 -13.00 -8.98
CA PRO C 23 1.99 -12.20 -8.55
C PRO C 23 1.61 -11.16 -9.62
N TYR C 24 0.31 -10.91 -9.74
CA TYR C 24 -0.23 -9.88 -10.62
C TYR C 24 0.46 -8.55 -10.33
N ALA C 25 0.81 -8.32 -9.06
CA ALA C 25 1.42 -7.05 -8.61
C ALA C 25 2.94 -7.04 -8.76
N ALA C 26 3.58 -8.05 -9.38
CA ALA C 26 5.06 -8.07 -9.48
C ALA C 26 5.58 -6.83 -10.20
N THR C 27 6.62 -6.22 -9.64
CA THR C 27 7.34 -5.12 -10.26
C THR C 27 8.63 -5.64 -10.88
N ILE C 28 9.33 -4.81 -11.62
CA ILE C 28 10.64 -5.18 -12.17
C ILE C 28 11.63 -5.35 -11.00
N GLU C 29 11.50 -4.54 -9.96
CA GLU C 29 12.39 -4.69 -8.78
C GLU C 29 12.10 -6.05 -8.12
N ASP C 30 10.86 -6.46 -8.01
CA ASP C 30 10.53 -7.75 -7.36
C ASP C 30 11.24 -8.86 -8.15
N ILE C 31 11.19 -8.77 -9.46
CA ILE C 31 11.81 -9.83 -10.30
C ILE C 31 13.31 -9.83 -10.12
N LEU C 32 13.97 -8.68 -10.16
CA LEU C 32 15.43 -8.65 -9.97
C LEU C 32 15.80 -9.08 -8.56
N ASP C 33 15.09 -8.69 -7.52
CA ASP C 33 15.44 -9.14 -6.16
C ASP C 33 15.26 -10.65 -6.06
N PHE C 34 14.25 -11.19 -6.73
CA PHE C 34 13.98 -12.64 -6.66
C PHE C 34 15.18 -13.36 -7.28
N LEU C 35 15.72 -12.85 -8.37
CA LEU C 35 16.94 -13.47 -8.99
C LEU C 35 18.17 -13.35 -8.08
N GLY C 36 18.21 -12.33 -7.24
CA GLY C 36 19.32 -12.11 -6.30
C GLY C 36 20.63 -11.89 -7.04
N GLU C 37 21.60 -12.73 -6.70
CA GLU C 37 22.94 -12.67 -7.33
C GLU C 37 22.83 -12.99 -8.80
N PHE C 38 21.76 -13.64 -9.25
CA PHE C 38 21.66 -13.99 -10.69
C PHE C 38 21.21 -12.78 -11.54
N ALA C 39 20.78 -11.69 -10.92
CA ALA C 39 20.38 -10.51 -11.71
C ALA C 39 21.56 -9.93 -12.50
N THR C 40 22.80 -10.08 -12.03
CA THR C 40 23.96 -9.62 -12.80
C THR C 40 24.24 -10.56 -13.99
N ASP C 41 23.61 -11.74 -14.04
CA ASP C 41 23.91 -12.73 -15.12
C ASP C 41 22.88 -12.60 -16.25
N ILE C 42 22.04 -11.56 -16.22
CA ILE C 42 21.08 -11.31 -17.33
C ILE C 42 21.85 -10.82 -18.54
N ARG C 43 21.55 -11.38 -19.72
CA ARG C 43 22.05 -10.92 -21.02
C ARG C 43 20.95 -10.08 -21.66
N THR C 44 21.37 -9.15 -22.44
CA THR C 44 20.50 -8.14 -23.00
C THR C 44 20.03 -7.19 -21.88
N HIS C 45 19.41 -6.17 -22.36
CA HIS C 45 18.86 -5.07 -21.52
C HIS C 45 17.33 -5.19 -21.35
N GLY C 46 16.76 -6.35 -21.55
CA GLY C 46 15.33 -6.54 -21.46
C GLY C 46 14.93 -7.72 -20.58
N VAL C 47 13.82 -7.57 -19.89
CA VAL C 47 13.02 -8.65 -19.24
C VAL C 47 11.70 -8.70 -19.97
N HIS C 48 11.26 -9.85 -20.46
CA HIS C 48 10.05 -9.99 -21.26
C HIS C 48 8.87 -10.36 -20.39
N MET C 49 7.91 -9.47 -20.22
CA MET C 49 6.67 -9.81 -19.49
C MET C 49 5.70 -10.41 -20.50
N VAL C 50 5.20 -11.61 -20.25
CA VAL C 50 4.41 -12.36 -21.26
C VAL C 50 2.91 -12.06 -21.12
N LEU C 51 2.27 -11.87 -22.27
CA LEU C 51 0.81 -11.76 -22.40
C LEU C 51 0.25 -13.08 -22.88
N ASN C 52 -0.93 -13.46 -22.41
CA ASN C 52 -1.58 -14.72 -22.84
C ASN C 52 -2.25 -14.54 -24.20
N HIS C 53 -3.04 -15.53 -24.61
CA HIS C 53 -3.64 -15.54 -25.97
C HIS C 53 -4.73 -14.46 -26.09
N GLN C 54 -5.22 -13.93 -24.98
CA GLN C 54 -6.15 -12.78 -25.00
C GLN C 54 -5.42 -11.45 -24.78
N GLY C 55 -4.10 -11.42 -24.77
CA GLY C 55 -3.42 -10.13 -24.62
C GLY C 55 -3.38 -9.67 -23.14
N ARG C 56 -3.62 -10.57 -22.21
CA ARG C 56 -3.77 -10.27 -20.76
C ARG C 56 -2.56 -10.78 -20.01
N PRO C 57 -2.27 -10.23 -18.81
CA PRO C 57 -1.18 -10.73 -17.98
C PRO C 57 -1.25 -12.23 -17.77
N SER C 58 -0.14 -12.90 -18.04
CA SER C 58 -0.04 -14.38 -17.91
C SER C 58 0.51 -14.84 -16.57
N GLY C 59 1.22 -14.01 -15.84
CA GLY C 59 1.98 -14.45 -14.66
C GLY C 59 3.35 -14.97 -15.05
N ASP C 60 3.70 -14.93 -16.33
CA ASP C 60 4.97 -15.49 -16.88
C ASP C 60 5.89 -14.33 -17.30
N ALA C 61 7.19 -14.58 -17.22
CA ALA C 61 8.23 -13.70 -17.79
C ALA C 61 9.36 -14.55 -18.34
N PHE C 62 10.08 -14.06 -19.32
CA PHE C 62 11.31 -14.73 -19.83
C PHE C 62 12.49 -13.79 -19.66
N ILE C 63 13.62 -14.37 -19.38
CA ILE C 63 14.90 -13.63 -19.26
C ILE C 63 16.01 -14.46 -19.91
N GLN C 64 16.76 -13.84 -20.78
CA GLN C 64 17.97 -14.50 -21.29
C GLN C 64 19.13 -14.25 -20.34
N MET C 65 19.85 -15.31 -20.03
CA MET C 65 21.05 -15.30 -19.20
C MET C 65 22.32 -15.39 -20.05
N LYS C 66 23.44 -15.16 -19.37
CA LYS C 66 24.75 -15.09 -20.06
C LYS C 66 25.26 -16.47 -20.45
N SER C 67 24.71 -17.55 -19.92
CA SER C 67 25.14 -18.91 -20.29
C SER C 67 24.08 -19.89 -19.81
N ALA C 68 24.12 -21.09 -20.38
CA ALA C 68 23.25 -22.17 -19.93
C ALA C 68 23.56 -22.48 -18.47
N ASP C 69 24.80 -22.48 -18.04
CA ASP C 69 25.09 -22.83 -16.64
C ASP C 69 24.52 -21.75 -15.71
N ARG C 70 24.58 -20.48 -16.08
CA ARG C 70 23.95 -19.46 -15.20
C ARG C 70 22.44 -19.69 -15.14
N ALA C 71 21.80 -20.05 -16.24
CA ALA C 71 20.34 -20.34 -16.27
C ALA C 71 20.06 -21.56 -15.37
N PHE C 72 20.87 -22.62 -15.45
CA PHE C 72 20.73 -23.81 -14.63
C PHE C 72 20.82 -23.45 -13.16
N MET C 73 21.83 -22.68 -12.78
CA MET C 73 22.06 -22.31 -11.35
C MET C 73 20.98 -21.36 -10.87
N ALA C 74 20.50 -20.47 -11.72
CA ALA C 74 19.41 -19.56 -11.29
C ALA C 74 18.16 -20.40 -11.04
N ALA C 75 17.83 -21.33 -11.92
CA ALA C 75 16.69 -22.22 -11.73
C ALA C 75 16.89 -23.07 -10.47
N GLN C 76 18.06 -23.64 -10.25
CA GLN C 76 18.30 -24.44 -9.03
C GLN C 76 18.01 -23.60 -7.78
N LYS C 77 18.49 -22.38 -7.71
CA LYS C 77 18.39 -21.50 -6.49
C LYS C 77 16.96 -20.97 -6.35
N CYS C 78 16.29 -20.64 -7.44
CA CYS C 78 15.11 -19.74 -7.39
C CYS C 78 13.80 -20.48 -7.69
N HIS C 79 13.83 -21.70 -8.23
CA HIS C 79 12.58 -22.47 -8.50
C HIS C 79 11.82 -22.68 -7.19
N LYS C 80 10.58 -22.22 -7.18
CA LYS C 80 9.62 -22.36 -6.04
C LYS C 80 10.02 -21.42 -4.90
N LYS C 81 10.93 -20.48 -5.07
CA LYS C 81 11.23 -19.41 -4.10
C LYS C 81 10.00 -18.49 -3.96
N ASN C 82 9.85 -17.91 -2.77
CA ASN C 82 8.80 -16.91 -2.45
C ASN C 82 9.03 -15.57 -3.14
N MET C 83 7.97 -15.02 -3.72
CA MET C 83 7.85 -13.62 -4.13
C MET C 83 6.45 -13.16 -3.71
N LYS C 84 6.38 -12.20 -2.77
CA LYS C 84 5.10 -11.58 -2.31
C LYS C 84 4.13 -12.71 -1.93
N ASP C 85 4.64 -13.72 -1.21
CA ASP C 85 3.86 -14.85 -0.65
C ASP C 85 3.25 -15.72 -1.77
N ARG C 86 3.83 -15.75 -2.99
CA ARG C 86 3.54 -16.83 -3.97
C ARG C 86 4.87 -17.55 -4.24
N TYR C 87 4.80 -18.84 -4.51
CA TYR C 87 6.02 -19.61 -4.86
C TYR C 87 6.13 -19.58 -6.39
N VAL C 88 7.20 -18.97 -6.90
CA VAL C 88 7.34 -18.72 -8.36
C VAL C 88 8.17 -19.82 -8.99
N GLU C 89 7.67 -20.43 -10.04
CA GLU C 89 8.38 -21.49 -10.78
C GLU C 89 9.48 -20.86 -11.65
N VAL C 90 10.61 -21.55 -11.78
CA VAL C 90 11.76 -21.10 -12.61
C VAL C 90 12.13 -22.29 -13.47
N PHE C 91 12.06 -22.11 -14.77
CA PHE C 91 12.29 -23.19 -15.75
C PHE C 91 13.39 -22.78 -16.70
N GLN C 92 14.44 -23.60 -16.79
CA GLN C 92 15.52 -23.37 -17.77
C GLN C 92 15.05 -23.74 -19.17
N CYS C 93 15.24 -22.85 -20.12
CA CYS C 93 14.69 -23.05 -21.47
C CYS C 93 15.62 -22.43 -22.52
N SER C 94 15.34 -22.69 -23.77
CA SER C 94 16.09 -22.11 -24.90
C SER C 94 15.50 -20.79 -25.34
N ALA C 95 16.29 -20.04 -26.11
CA ALA C 95 15.78 -18.82 -26.74
C ALA C 95 14.71 -19.20 -27.78
N GLU C 96 14.85 -20.32 -28.48
CA GLU C 96 13.80 -20.70 -29.44
C GLU C 96 12.49 -20.95 -28.68
N GLU C 97 12.53 -21.61 -27.53
CA GLU C 97 11.33 -21.80 -26.70
C GLU C 97 10.74 -20.43 -26.34
N MET C 98 11.57 -19.52 -25.87
CA MET C 98 11.12 -18.16 -25.50
C MET C 98 10.48 -17.49 -26.70
N ASN C 99 11.16 -17.50 -27.83
CA ASN C 99 10.66 -16.74 -29.01
C ASN C 99 9.44 -17.42 -29.58
N PHE C 100 9.31 -18.72 -29.48
CA PHE C 100 8.09 -19.45 -29.87
C PHE C 100 6.91 -18.98 -29.02
N VAL C 101 7.06 -18.87 -27.72
CA VAL C 101 5.96 -18.37 -26.87
C VAL C 101 5.68 -16.91 -27.24
N LEU C 102 6.67 -16.09 -27.50
CA LEU C 102 6.41 -14.67 -27.78
C LEU C 102 5.63 -14.54 -29.10
N MET C 103 5.63 -15.51 -30.01
CA MET C 103 4.80 -15.40 -31.24
C MET C 103 3.50 -16.16 -31.08
N GLY C 104 3.15 -16.63 -29.89
CA GLY C 104 1.86 -17.26 -29.60
C GLY C 104 1.91 -18.76 -29.41
N GLY C 105 3.09 -19.37 -29.41
CA GLY C 105 3.21 -20.81 -29.18
C GLY C 105 2.96 -21.21 -27.74
N THR C 106 2.67 -22.49 -27.56
CA THR C 106 2.49 -23.10 -26.21
C THR C 106 3.58 -24.15 -26.03
N LEU C 107 4.38 -24.03 -24.97
CA LEU C 107 5.40 -25.03 -24.65
C LEU C 107 4.75 -26.20 -23.93
N ASN C 108 4.98 -27.39 -24.42
CA ASN C 108 4.51 -28.64 -23.77
C ASN C 108 5.59 -29.09 -22.79
N ARG C 109 6.86 -28.87 -23.11
CA ARG C 109 7.96 -29.33 -22.24
C ARG C 109 7.83 -28.60 -20.92
N ASN C 110 7.94 -29.29 -19.79
CA ASN C 110 7.80 -28.66 -18.46
C ASN C 110 8.79 -29.34 -17.52
N PHE D 7 39.94 16.58 -9.22
CA PHE D 7 39.74 16.61 -7.74
C PHE D 7 39.68 15.19 -7.18
N VAL D 8 40.44 14.97 -6.14
CA VAL D 8 40.42 13.71 -5.36
C VAL D 8 40.11 14.07 -3.90
N PRO D 9 38.96 13.64 -3.35
CA PRO D 9 38.62 14.06 -2.00
C PRO D 9 39.64 13.54 -0.98
N PRO D 10 39.85 14.29 0.11
CA PRO D 10 40.67 13.84 1.22
C PRO D 10 40.21 12.46 1.71
N THR D 11 41.16 11.64 2.11
CA THR D 11 40.98 10.24 2.49
C THR D 11 41.73 9.93 3.79
N ASN D 12 42.12 10.92 4.56
CA ASN D 12 43.00 10.73 5.75
C ASN D 12 42.23 10.12 6.91
N VAL D 13 40.96 10.46 7.10
CA VAL D 13 40.13 10.02 8.25
C VAL D 13 38.97 9.19 7.69
N ARG D 14 39.16 7.88 7.67
CA ARG D 14 38.19 6.96 7.04
C ARG D 14 37.21 6.43 8.07
N ASP D 15 36.33 7.31 8.54
CA ASP D 15 35.37 6.96 9.61
C ASP D 15 33.94 6.75 9.08
N CYS D 16 33.77 6.55 7.81
CA CYS D 16 32.45 6.27 7.20
C CYS D 16 32.53 4.92 6.49
N ILE D 17 31.34 4.39 6.19
CA ILE D 17 31.21 3.21 5.31
C ILE D 17 30.21 3.48 4.19
N ARG D 18 30.49 2.93 3.05
CA ARG D 18 29.54 2.86 1.94
C ARG D 18 29.03 1.44 1.80
N LEU D 19 27.73 1.28 1.74
CA LEU D 19 27.07 0.03 1.34
C LEU D 19 26.77 0.14 -0.15
N ARG D 20 27.00 -0.92 -0.92
CA ARG D 20 26.77 -0.93 -2.38
C ARG D 20 26.14 -2.26 -2.74
N GLY D 21 25.23 -2.24 -3.70
CA GLY D 21 24.53 -3.43 -4.15
C GLY D 21 23.45 -3.86 -3.18
N LEU D 22 22.79 -2.94 -2.50
CA LEU D 22 21.66 -3.25 -1.63
C LEU D 22 20.55 -3.79 -2.51
N PRO D 23 19.80 -4.79 -2.04
CA PRO D 23 18.64 -5.24 -2.77
C PRO D 23 17.63 -4.11 -2.89
N TYR D 24 16.78 -4.20 -3.90
CA TYR D 24 15.70 -3.24 -4.10
C TYR D 24 14.78 -3.20 -2.89
N ALA D 25 14.56 -4.32 -2.22
CA ALA D 25 13.63 -4.34 -1.07
C ALA D 25 14.28 -3.77 0.20
N ALA D 26 15.53 -3.30 0.17
CA ALA D 26 16.22 -2.90 1.42
C ALA D 26 15.49 -1.76 2.11
N THR D 27 15.37 -1.92 3.40
CA THR D 27 14.78 -0.89 4.29
C THR D 27 15.85 -0.40 5.24
N ILE D 28 15.51 0.63 5.99
CA ILE D 28 16.40 1.11 7.09
C ILE D 28 16.52 0.04 8.16
N GLU D 29 15.45 -0.70 8.47
CA GLU D 29 15.57 -1.81 9.42
C GLU D 29 16.55 -2.86 8.88
N ASP D 30 16.48 -3.17 7.61
CA ASP D 30 17.38 -4.18 7.04
C ASP D 30 18.82 -3.71 7.16
N ILE D 31 19.08 -2.45 6.91
CA ILE D 31 20.45 -1.94 7.00
C ILE D 31 20.95 -2.07 8.43
N LEU D 32 20.16 -1.68 9.41
CA LEU D 32 20.65 -1.77 10.81
C LEU D 32 20.83 -3.23 11.21
N ASP D 33 19.98 -4.12 10.78
CA ASP D 33 20.12 -5.55 11.13
C ASP D 33 21.39 -6.11 10.49
N PHE D 34 21.68 -5.69 9.25
CA PHE D 34 22.86 -6.16 8.49
C PHE D 34 24.11 -5.73 9.23
N LEU D 35 24.13 -4.53 9.76
CA LEU D 35 25.31 -4.03 10.49
C LEU D 35 25.49 -4.80 11.78
N GLY D 36 24.42 -5.34 12.35
CA GLY D 36 24.56 -6.18 13.56
C GLY D 36 25.25 -5.41 14.69
N GLU D 37 26.41 -5.86 15.12
CA GLU D 37 27.13 -5.27 16.28
C GLU D 37 27.57 -3.84 15.96
N PHE D 38 27.62 -3.44 14.69
CA PHE D 38 28.15 -2.12 14.27
C PHE D 38 27.04 -1.09 14.24
N ALA D 39 25.77 -1.51 14.39
CA ALA D 39 24.66 -0.54 14.45
C ALA D 39 24.87 0.42 15.64
N THR D 40 25.44 -0.05 16.75
CA THR D 40 25.77 0.84 17.91
C THR D 40 26.98 1.78 17.65
N ASP D 41 27.73 1.61 16.58
CA ASP D 41 28.93 2.44 16.30
C ASP D 41 28.58 3.60 15.33
N ILE D 42 27.32 3.72 14.97
CA ILE D 42 26.85 4.79 14.07
C ILE D 42 26.95 6.13 14.82
N ARG D 43 27.42 7.17 14.15
CA ARG D 43 27.63 8.46 14.85
C ARG D 43 26.39 9.37 15.11
N THR D 44 25.84 9.89 14.07
CA THR D 44 24.70 10.82 13.95
C THR D 44 23.38 10.04 14.06
N HIS D 45 22.28 10.71 13.83
CA HIS D 45 20.95 10.06 13.76
C HIS D 45 20.49 9.90 12.32
N GLY D 46 21.38 9.85 11.37
CA GLY D 46 20.97 9.58 9.99
C GLY D 46 21.85 8.62 9.23
N VAL D 47 21.20 7.97 8.28
CA VAL D 47 21.80 7.07 7.28
C VAL D 47 21.41 7.64 5.92
N HIS D 48 22.35 7.78 4.99
CA HIS D 48 22.12 8.46 3.71
C HIS D 48 21.85 7.44 2.64
N MET D 49 20.70 7.46 2.02
CA MET D 49 20.42 6.66 0.83
C MET D 49 20.75 7.46 -0.40
N VAL D 50 21.52 6.92 -1.31
CA VAL D 50 22.15 7.67 -2.42
C VAL D 50 21.33 7.58 -3.72
N LEU D 51 21.16 8.75 -4.35
CA LEU D 51 20.56 8.87 -5.69
C LEU D 51 21.68 8.97 -6.69
N ASN D 52 21.48 8.41 -7.87
CA ASN D 52 22.51 8.43 -8.93
C ASN D 52 22.44 9.76 -9.68
N HIS D 53 23.19 9.86 -10.78
CA HIS D 53 23.26 11.14 -11.52
C HIS D 53 21.95 11.52 -12.19
N GLN D 54 21.02 10.57 -12.35
CA GLN D 54 19.69 10.86 -12.94
C GLN D 54 18.67 11.04 -11.82
N GLY D 55 19.10 11.04 -10.56
CA GLY D 55 18.13 11.20 -9.46
C GLY D 55 17.37 9.92 -9.13
N ARG D 56 17.87 8.77 -9.56
CA ARG D 56 17.19 7.47 -9.36
C ARG D 56 17.96 6.71 -8.29
N PRO D 57 17.35 5.69 -7.68
CA PRO D 57 18.06 4.94 -6.65
C PRO D 57 19.32 4.29 -7.20
N SER D 58 20.38 4.29 -6.39
CA SER D 58 21.67 3.70 -6.79
C SER D 58 21.87 2.32 -6.19
N GLY D 59 21.19 1.97 -5.13
CA GLY D 59 21.55 0.77 -4.36
C GLY D 59 22.69 1.02 -3.37
N ASP D 60 23.14 2.24 -3.22
CA ASP D 60 24.24 2.64 -2.30
C ASP D 60 23.67 3.37 -1.09
N ALA D 61 24.39 3.34 0.01
CA ALA D 61 24.10 4.12 1.22
C ALA D 61 25.40 4.51 1.86
N PHE D 62 25.39 5.59 2.61
CA PHE D 62 26.55 6.01 3.40
C PHE D 62 26.16 6.13 4.85
N ILE D 63 27.09 5.73 5.73
CA ILE D 63 26.90 5.80 7.20
C ILE D 63 28.18 6.33 7.83
N GLN D 64 28.06 7.34 8.64
CA GLN D 64 29.23 7.83 9.41
C GLN D 64 29.28 7.01 10.70
N MET D 65 30.48 6.56 11.08
CA MET D 65 30.72 5.82 12.33
C MET D 65 31.47 6.71 13.33
N LYS D 66 31.54 6.23 14.55
CA LYS D 66 32.12 7.00 15.67
C LYS D 66 33.64 6.96 15.65
N SER D 67 34.27 6.15 14.81
CA SER D 67 35.75 6.11 14.66
C SER D 67 36.16 5.39 13.40
N ALA D 68 37.37 5.64 12.93
CA ALA D 68 37.92 4.95 11.76
C ALA D 68 38.05 3.46 12.08
N ASP D 69 38.49 3.11 13.30
CA ASP D 69 38.72 1.66 13.55
C ASP D 69 37.38 0.91 13.47
N ARG D 70 36.28 1.54 13.88
CA ARG D 70 34.97 0.85 13.82
C ARG D 70 34.43 0.82 12.39
N ALA D 71 34.67 1.85 11.60
CA ALA D 71 34.38 1.78 10.14
C ALA D 71 35.21 0.66 9.49
N PHE D 72 36.49 0.59 9.82
CA PHE D 72 37.35 -0.50 9.32
C PHE D 72 36.70 -1.87 9.62
N MET D 73 36.38 -2.10 10.88
CA MET D 73 35.84 -3.40 11.32
C MET D 73 34.48 -3.69 10.69
N ALA D 74 33.65 -2.66 10.52
CA ALA D 74 32.34 -2.88 9.85
C ALA D 74 32.62 -3.37 8.44
N ALA D 75 33.57 -2.75 7.74
CA ALA D 75 33.91 -3.21 6.38
C ALA D 75 34.46 -4.65 6.44
N GLN D 76 35.39 -4.90 7.33
CA GLN D 76 36.10 -6.20 7.35
C GLN D 76 35.07 -7.29 7.57
N LYS D 77 34.14 -7.11 8.50
CA LYS D 77 33.15 -8.13 8.91
C LYS D 77 31.93 -8.18 8.01
N CYS D 78 31.53 -7.06 7.40
CA CYS D 78 30.24 -7.04 6.67
C CYS D 78 30.40 -7.05 5.15
N HIS D 79 31.57 -6.79 4.60
CA HIS D 79 31.81 -6.76 3.13
C HIS D 79 31.41 -8.12 2.54
N LYS D 80 30.47 -8.07 1.61
CA LYS D 80 29.98 -9.23 0.82
C LYS D 80 29.15 -10.16 1.71
N LYS D 81 28.64 -9.68 2.83
CA LYS D 81 27.65 -10.40 3.65
C LYS D 81 26.28 -10.35 2.94
N ASN D 82 25.46 -11.35 3.19
CA ASN D 82 24.10 -11.44 2.61
C ASN D 82 23.15 -10.43 3.24
N MET D 83 22.34 -9.79 2.38
CA MET D 83 21.10 -9.12 2.75
C MET D 83 20.06 -9.49 1.69
N LYS D 84 19.06 -10.27 2.06
CA LYS D 84 17.89 -10.60 1.21
C LYS D 84 18.36 -11.04 -0.18
N ASP D 85 19.33 -11.95 -0.21
CA ASP D 85 19.83 -12.65 -1.43
C ASP D 85 20.74 -11.78 -2.30
N ARG D 86 21.27 -10.67 -1.79
CA ARG D 86 22.43 -10.00 -2.43
C ARG D 86 23.62 -10.03 -1.46
N TYR D 87 24.81 -10.14 -2.00
CA TYR D 87 26.05 -9.94 -1.22
C TYR D 87 26.41 -8.47 -1.32
N VAL D 88 26.21 -7.78 -0.20
CA VAL D 88 26.35 -6.30 -0.16
C VAL D 88 27.80 -5.90 0.07
N GLU D 89 28.34 -5.02 -0.75
CA GLU D 89 29.71 -4.52 -0.59
C GLU D 89 29.71 -3.50 0.55
N VAL D 90 30.76 -3.49 1.34
CA VAL D 90 30.95 -2.50 2.43
C VAL D 90 32.36 -1.95 2.32
N PHE D 91 32.49 -0.65 2.06
CA PHE D 91 33.76 0.06 1.75
C PHE D 91 33.99 1.15 2.78
N GLN D 92 35.16 1.17 3.40
CA GLN D 92 35.54 2.17 4.38
C GLN D 92 35.98 3.43 3.62
N CYS D 93 35.52 4.58 4.04
CA CYS D 93 35.75 5.84 3.32
C CYS D 93 35.69 7.01 4.27
N SER D 94 36.09 8.18 3.78
CA SER D 94 36.06 9.41 4.58
C SER D 94 34.74 10.16 4.45
N ALA D 95 34.52 11.10 5.35
CA ALA D 95 33.37 12.00 5.28
C ALA D 95 33.49 12.90 4.04
N GLU D 96 34.70 13.29 3.63
CA GLU D 96 34.82 14.15 2.43
C GLU D 96 34.39 13.32 1.22
N GLU D 97 34.79 12.05 1.14
CA GLU D 97 34.35 11.15 0.06
C GLU D 97 32.83 11.04 0.09
N MET D 98 32.22 10.80 1.24
CA MET D 98 30.76 10.68 1.33
C MET D 98 30.11 11.99 0.86
N ASN D 99 30.60 13.11 1.35
CA ASN D 99 29.95 14.42 1.05
C ASN D 99 30.15 14.79 -0.41
N PHE D 100 31.26 14.37 -1.01
CA PHE D 100 31.53 14.60 -2.44
C PHE D 100 30.46 13.85 -3.24
N VAL D 101 30.22 12.59 -2.92
CA VAL D 101 29.20 11.80 -3.64
C VAL D 101 27.85 12.43 -3.43
N LEU D 102 27.56 12.95 -2.24
CA LEU D 102 26.22 13.53 -1.98
C LEU D 102 26.00 14.85 -2.75
N MET D 103 27.05 15.50 -3.24
CA MET D 103 26.87 16.68 -4.12
C MET D 103 27.11 16.29 -5.57
N GLY D 104 27.11 15.01 -5.91
CA GLY D 104 27.12 14.53 -7.29
C GLY D 104 28.48 14.10 -7.79
N GLY D 105 29.48 14.01 -6.92
CA GLY D 105 30.80 13.51 -7.35
C GLY D 105 30.87 12.01 -7.50
N THR D 106 31.92 11.55 -8.18
CA THR D 106 32.24 10.11 -8.30
C THR D 106 33.54 9.83 -7.56
N LEU D 107 33.52 8.76 -6.78
CA LEU D 107 34.69 8.24 -6.07
C LEU D 107 35.44 7.32 -7.03
N ASN D 108 36.65 7.70 -7.42
CA ASN D 108 37.52 6.86 -8.29
C ASN D 108 38.19 5.78 -7.42
N ARG D 109 38.44 6.06 -6.13
CA ARG D 109 39.12 5.13 -5.19
C ARG D 109 38.22 3.92 -4.93
N ASN D 110 38.76 2.70 -5.01
CA ASN D 110 37.99 1.48 -4.62
C ASN D 110 38.87 0.59 -3.74
N PHE E 7 -9.35 26.91 43.18
CA PHE E 7 -9.88 25.49 43.37
C PHE E 7 -8.85 24.48 42.88
N VAL E 8 -8.68 23.48 43.72
CA VAL E 8 -7.74 22.35 43.59
C VAL E 8 -8.58 21.08 43.67
N PRO E 9 -8.66 20.30 42.57
CA PRO E 9 -9.43 19.06 42.62
C PRO E 9 -8.85 18.14 43.68
N PRO E 10 -9.71 17.31 44.30
CA PRO E 10 -9.25 16.36 45.32
C PRO E 10 -8.32 15.29 44.75
N THR E 11 -7.42 14.82 45.61
CA THR E 11 -6.36 13.82 45.25
C THR E 11 -6.33 12.68 46.27
N ASN E 12 -7.43 12.35 46.92
CA ASN E 12 -7.44 11.24 47.92
C ASN E 12 -7.25 9.90 47.24
N VAL E 13 -7.79 9.73 46.03
CA VAL E 13 -7.68 8.44 45.32
C VAL E 13 -6.97 8.66 43.98
N ARG E 14 -5.70 8.29 43.86
CA ARG E 14 -4.88 8.63 42.68
C ARG E 14 -4.74 7.36 41.84
N ASP E 15 -5.84 6.95 41.19
CA ASP E 15 -5.89 5.71 40.41
C ASP E 15 -5.95 5.98 38.89
N CYS E 16 -5.59 7.19 38.49
CA CYS E 16 -5.50 7.54 37.05
C CYS E 16 -4.06 7.89 36.72
N ILE E 17 -3.76 7.90 35.43
CA ILE E 17 -2.52 8.51 34.91
C ILE E 17 -2.86 9.59 33.90
N ARG E 18 -2.10 10.66 33.97
CA ARG E 18 -2.09 11.75 33.00
C ARG E 18 -0.80 11.65 32.20
N LEU E 19 -0.95 11.52 30.90
CA LEU E 19 0.19 11.60 29.95
C LEU E 19 0.24 13.02 29.46
N ARG E 20 1.40 13.60 29.45
CA ARG E 20 1.58 15.01 29.00
C ARG E 20 2.77 15.10 28.06
N GLY E 21 2.66 15.96 27.06
CA GLY E 21 3.74 16.10 26.06
C GLY E 21 3.74 14.95 25.07
N LEU E 22 2.58 14.39 24.74
CA LEU E 22 2.44 13.39 23.67
C LEU E 22 2.97 13.95 22.36
N PRO E 23 3.44 13.06 21.47
CA PRO E 23 3.66 13.46 20.09
C PRO E 23 2.44 14.15 19.48
N TYR E 24 2.71 15.08 18.58
CA TYR E 24 1.62 15.81 17.88
C TYR E 24 0.62 14.85 17.30
N ALA E 25 1.07 13.74 16.72
CA ALA E 25 0.26 12.72 16.03
C ALA E 25 0.16 11.43 16.86
N ALA E 26 -0.13 11.61 18.17
CA ALA E 26 -0.32 10.50 19.11
C ALA E 26 -1.54 9.65 18.73
N THR E 27 -1.35 8.34 18.73
CA THR E 27 -2.39 7.34 18.44
C THR E 27 -2.62 6.46 19.67
N ILE E 28 -3.79 5.83 19.68
CA ILE E 28 -4.12 4.84 20.74
C ILE E 28 -3.06 3.75 20.70
N GLU E 29 -2.64 3.32 19.52
CA GLU E 29 -1.65 2.22 19.41
C GLU E 29 -0.33 2.67 20.05
N ASP E 30 0.09 3.90 19.84
CA ASP E 30 1.34 4.43 20.42
C ASP E 30 1.20 4.38 21.95
N ILE E 31 0.06 4.84 22.45
CA ILE E 31 -0.19 4.90 23.92
C ILE E 31 -0.14 3.51 24.51
N LEU E 32 -0.80 2.53 23.93
CA LEU E 32 -0.84 1.18 24.51
C LEU E 32 0.55 0.58 24.47
N ASP E 33 1.29 0.76 23.37
CA ASP E 33 2.65 0.21 23.27
C ASP E 33 3.51 0.80 24.38
N PHE E 34 3.45 2.12 24.53
CA PHE E 34 4.24 2.87 25.53
C PHE E 34 3.96 2.36 26.95
N LEU E 35 2.72 2.00 27.24
CA LEU E 35 2.38 1.54 28.61
C LEU E 35 2.99 0.14 28.87
N GLY E 36 3.35 -0.61 27.84
CA GLY E 36 3.96 -1.95 28.06
C GLY E 36 3.04 -2.84 28.86
N GLU E 37 3.52 -3.48 29.93
CA GLU E 37 2.69 -4.40 30.75
C GLU E 37 1.44 -3.69 31.32
N PHE E 38 1.49 -2.37 31.46
CA PHE E 38 0.41 -1.65 32.17
C PHE E 38 -0.81 -1.46 31.26
N ALA E 39 -0.68 -1.74 29.96
CA ALA E 39 -1.87 -1.61 29.09
C ALA E 39 -2.97 -2.57 29.57
N THR E 40 -2.64 -3.70 30.17
CA THR E 40 -3.64 -4.67 30.68
C THR E 40 -4.18 -4.25 32.05
N ASP E 41 -3.67 -3.15 32.64
CA ASP E 41 -4.11 -2.66 33.98
C ASP E 41 -5.01 -1.43 33.82
N ILE E 42 -5.45 -1.17 32.61
CA ILE E 42 -6.46 -0.10 32.36
C ILE E 42 -7.82 -0.54 32.86
N ARG E 43 -8.53 0.36 33.53
CA ARG E 43 -9.91 0.18 33.97
C ARG E 43 -10.81 0.98 33.00
N THR E 44 -11.97 0.45 32.73
CA THR E 44 -12.93 0.93 31.72
C THR E 44 -12.37 0.69 30.33
N HIS E 45 -13.23 0.97 29.37
CA HIS E 45 -12.93 0.79 27.93
C HIS E 45 -12.58 2.11 27.27
N GLY E 46 -12.19 3.12 28.02
CA GLY E 46 -11.89 4.43 27.43
C GLY E 46 -10.51 4.94 27.74
N VAL E 47 -9.93 5.61 26.76
CA VAL E 47 -8.74 6.45 26.87
C VAL E 47 -9.18 7.85 26.44
N HIS E 48 -8.97 8.84 27.30
CA HIS E 48 -9.49 10.21 27.13
C HIS E 48 -8.40 11.08 26.54
N MET E 49 -8.53 11.42 25.29
CA MET E 49 -7.59 12.34 24.62
C MET E 49 -8.06 13.77 24.77
N VAL E 50 -7.24 14.64 25.29
CA VAL E 50 -7.66 15.98 25.74
C VAL E 50 -7.55 17.01 24.62
N LEU E 51 -8.51 17.90 24.60
CA LEU E 51 -8.52 19.09 23.73
C LEU E 51 -8.17 20.30 24.58
N ASN E 52 -7.44 21.21 23.97
CA ASN E 52 -7.13 22.50 24.62
C ASN E 52 -8.33 23.46 24.47
N HIS E 53 -8.13 24.70 24.92
CA HIS E 53 -9.23 25.69 24.98
C HIS E 53 -9.58 26.20 23.59
N GLN E 54 -8.75 25.91 22.59
CA GLN E 54 -9.02 26.23 21.16
C GLN E 54 -9.67 25.02 20.44
N GLY E 55 -9.93 23.91 21.16
CA GLY E 55 -10.57 22.74 20.56
C GLY E 55 -9.56 21.88 19.79
N ARG E 56 -8.25 22.07 19.98
CA ARG E 56 -7.23 21.29 19.23
C ARG E 56 -6.57 20.30 20.20
N PRO E 57 -5.91 19.25 19.71
CA PRO E 57 -5.30 18.27 20.63
C PRO E 57 -4.29 18.95 21.55
N SER E 58 -4.36 18.73 22.86
CA SER E 58 -3.45 19.41 23.81
C SER E 58 -2.13 18.66 24.01
N GLY E 59 -2.04 17.40 23.62
CA GLY E 59 -0.89 16.55 23.96
C GLY E 59 -1.03 15.86 25.30
N ASP E 60 -2.21 15.98 25.94
CA ASP E 60 -2.52 15.26 27.20
C ASP E 60 -3.50 14.12 26.90
N ALA E 61 -3.43 13.11 27.76
CA ALA E 61 -4.41 12.03 27.82
C ALA E 61 -4.60 11.62 29.27
N PHE E 62 -5.79 11.12 29.60
CA PHE E 62 -6.03 10.52 30.92
C PHE E 62 -6.50 9.10 30.73
N ILE E 63 -6.08 8.23 31.64
CA ILE E 63 -6.45 6.79 31.64
C ILE E 63 -6.74 6.39 33.10
N GLN E 64 -7.86 5.73 33.35
CA GLN E 64 -8.10 5.20 34.70
C GLN E 64 -7.44 3.84 34.78
N MET E 65 -6.74 3.58 35.89
CA MET E 65 -6.11 2.26 36.12
C MET E 65 -6.92 1.44 37.14
N LYS E 66 -6.53 0.18 37.29
CA LYS E 66 -7.33 -0.74 38.12
C LYS E 66 -7.12 -0.44 39.61
N SER E 67 -6.10 0.33 39.96
CA SER E 67 -5.80 0.63 41.38
C SER E 67 -4.87 1.84 41.43
N ALA E 68 -4.78 2.50 42.55
CA ALA E 68 -3.84 3.60 42.78
C ALA E 68 -2.41 3.07 42.67
N ASP E 69 -2.13 1.89 43.24
CA ASP E 69 -0.74 1.38 43.20
C ASP E 69 -0.39 1.06 41.74
N ARG E 70 -1.30 0.60 40.89
CA ARG E 70 -0.94 0.34 39.48
C ARG E 70 -0.73 1.67 38.76
N ALA E 71 -1.47 2.72 39.05
CA ALA E 71 -1.17 4.08 38.54
C ALA E 71 0.23 4.53 38.97
N PHE E 72 0.56 4.35 40.24
CA PHE E 72 1.93 4.64 40.74
C PHE E 72 2.96 3.87 39.88
N MET E 73 2.74 2.56 39.71
CA MET E 73 3.76 1.70 39.03
C MET E 73 3.87 2.10 37.55
N ALA E 74 2.75 2.47 36.92
CA ALA E 74 2.78 2.84 35.50
C ALA E 74 3.53 4.15 35.38
N ALA E 75 3.30 5.12 36.26
CA ALA E 75 4.01 6.40 36.23
C ALA E 75 5.48 6.17 36.51
N GLN E 76 5.81 5.29 37.46
CA GLN E 76 7.22 5.06 37.79
C GLN E 76 7.95 4.52 36.58
N LYS E 77 7.37 3.57 35.85
CA LYS E 77 8.02 2.91 34.70
C LYS E 77 8.06 3.85 33.49
N CYS E 78 7.02 4.64 33.25
CA CYS E 78 6.77 5.29 31.94
C CYS E 78 7.13 6.76 31.98
N HIS E 79 7.16 7.41 33.13
CA HIS E 79 7.44 8.86 33.20
C HIS E 79 8.77 9.16 32.49
N LYS E 80 8.71 10.01 31.47
CA LYS E 80 9.87 10.47 30.64
C LYS E 80 10.36 9.36 29.73
N LYS E 81 9.61 8.29 29.50
CA LYS E 81 9.97 7.29 28.50
C LYS E 81 9.71 7.88 27.10
N ASN E 82 10.43 7.36 26.13
CA ASN E 82 10.29 7.79 24.73
C ASN E 82 9.00 7.27 24.14
N MET E 83 8.36 8.12 23.34
CA MET E 83 7.27 7.78 22.44
C MET E 83 7.48 8.60 21.17
N LYS E 84 7.75 7.91 20.07
CA LYS E 84 8.14 8.60 18.83
C LYS E 84 9.26 9.59 19.18
N ASP E 85 9.09 10.84 18.81
CA ASP E 85 10.15 11.85 18.97
C ASP E 85 10.08 12.57 20.33
N ARG E 86 9.27 12.11 21.27
CA ARG E 86 9.08 12.85 22.54
C ARG E 86 9.47 11.99 23.72
N TYR E 87 9.83 12.63 24.81
CA TYR E 87 9.83 12.01 26.14
C TYR E 87 8.55 12.47 26.83
N VAL E 88 7.70 11.50 27.08
CA VAL E 88 6.32 11.77 27.55
C VAL E 88 6.31 11.72 29.10
N GLU E 89 5.73 12.74 29.70
CA GLU E 89 5.54 12.78 31.16
C GLU E 89 4.32 11.94 31.54
N VAL E 90 4.43 11.23 32.64
CA VAL E 90 3.31 10.37 33.15
C VAL E 90 3.16 10.68 34.63
N PHE E 91 2.00 11.17 35.01
CA PHE E 91 1.71 11.58 36.40
C PHE E 91 0.55 10.73 36.92
N GLN E 92 0.74 10.20 38.12
CA GLN E 92 -0.34 9.59 38.90
C GLN E 92 -1.28 10.69 39.34
N CYS E 93 -2.58 10.52 39.12
CA CYS E 93 -3.57 11.60 39.39
C CYS E 93 -4.91 11.00 39.79
N SER E 94 -5.84 11.86 40.18
CA SER E 94 -7.20 11.40 40.57
C SER E 94 -8.17 11.51 39.41
N ALA E 95 -9.28 10.81 39.51
CA ALA E 95 -10.37 10.95 38.51
C ALA E 95 -10.96 12.36 38.55
N GLU E 96 -11.00 12.98 39.73
CA GLU E 96 -11.47 14.39 39.84
C GLU E 96 -10.55 15.30 39.02
N GLU E 97 -9.25 15.09 39.07
CA GLU E 97 -8.31 15.89 38.23
C GLU E 97 -8.64 15.69 36.76
N MET E 98 -8.82 14.45 36.31
CA MET E 98 -9.21 14.11 34.95
C MET E 98 -10.51 14.83 34.58
N ASN E 99 -11.53 14.75 35.42
CA ASN E 99 -12.87 15.27 35.04
C ASN E 99 -12.83 16.80 35.08
N PHE E 100 -12.06 17.36 35.97
CA PHE E 100 -11.84 18.84 36.00
C PHE E 100 -11.26 19.31 34.67
N VAL E 101 -10.21 18.65 34.17
CA VAL E 101 -9.62 19.06 32.88
C VAL E 101 -10.61 18.81 31.77
N LEU E 102 -11.41 17.76 31.81
CA LEU E 102 -12.38 17.47 30.72
C LEU E 102 -13.50 18.53 30.65
N MET E 103 -13.74 19.25 31.75
CA MET E 103 -14.73 20.35 31.71
C MET E 103 -14.02 21.71 31.56
N GLY E 104 -12.76 21.74 31.20
CA GLY E 104 -12.07 22.99 30.85
C GLY E 104 -11.14 23.52 31.93
N GLY E 105 -10.93 22.78 33.02
CA GLY E 105 -10.04 23.25 34.09
C GLY E 105 -8.57 23.18 33.68
N THR E 106 -7.72 23.91 34.36
CA THR E 106 -6.24 23.86 34.21
C THR E 106 -5.61 23.32 35.50
N LEU E 107 -4.83 22.24 35.49
CA LEU E 107 -4.15 21.75 36.73
C LEU E 107 -2.83 22.51 36.95
N PHE F 7 -26.65 -27.12 -25.39
CA PHE F 7 -27.50 -26.42 -24.36
C PHE F 7 -27.57 -24.92 -24.67
N VAL F 8 -28.77 -24.36 -24.60
CA VAL F 8 -29.02 -22.90 -24.75
C VAL F 8 -29.51 -22.38 -23.40
N PRO F 9 -28.79 -21.50 -22.66
CA PRO F 9 -29.37 -20.93 -21.45
C PRO F 9 -30.58 -20.10 -21.83
N PRO F 10 -31.65 -20.21 -21.04
CA PRO F 10 -32.83 -19.37 -21.25
C PRO F 10 -32.48 -17.88 -21.24
N THR F 11 -33.21 -17.12 -22.04
CA THR F 11 -33.01 -15.66 -22.26
C THR F 11 -34.32 -14.89 -22.14
N ASN F 12 -35.38 -15.45 -21.58
CA ASN F 12 -36.69 -14.77 -21.54
C ASN F 12 -36.66 -13.54 -20.63
N VAL F 13 -35.89 -13.60 -19.55
CA VAL F 13 -35.90 -12.51 -18.53
C VAL F 13 -34.49 -11.93 -18.43
N ARG F 14 -34.20 -10.85 -19.13
CA ARG F 14 -32.84 -10.30 -19.21
C ARG F 14 -32.74 -9.13 -18.28
N ASP F 15 -32.61 -9.46 -17.00
CA ASP F 15 -32.53 -8.44 -15.92
C ASP F 15 -31.13 -8.32 -15.34
N CYS F 16 -30.13 -8.86 -15.99
CA CYS F 16 -28.73 -8.77 -15.54
C CYS F 16 -27.95 -7.97 -16.58
N ILE F 17 -26.80 -7.45 -16.16
CA ILE F 17 -25.80 -6.87 -17.08
C ILE F 17 -24.45 -7.53 -16.82
N ARG F 18 -23.73 -7.77 -17.91
CA ARG F 18 -22.32 -8.19 -17.89
C ARG F 18 -21.47 -7.00 -18.29
N LEU F 19 -20.49 -6.64 -17.49
CA LEU F 19 -19.44 -5.66 -17.85
C LEU F 19 -18.27 -6.49 -18.38
N ARG F 20 -17.67 -6.04 -19.47
CA ARG F 20 -16.52 -6.71 -20.08
C ARG F 20 -15.49 -5.67 -20.50
N GLY F 21 -14.23 -6.00 -20.29
CA GLY F 21 -13.13 -5.10 -20.66
C GLY F 21 -12.88 -4.06 -19.58
N LEU F 22 -13.15 -4.42 -18.31
CA LEU F 22 -12.88 -3.52 -17.19
C LEU F 22 -11.39 -3.28 -17.10
N PRO F 23 -10.96 -2.03 -16.85
CA PRO F 23 -9.54 -1.78 -16.60
C PRO F 23 -9.07 -2.65 -15.42
N TYR F 24 -7.78 -2.94 -15.43
CA TYR F 24 -7.20 -3.79 -14.37
C TYR F 24 -7.31 -3.08 -13.03
N ALA F 25 -7.25 -1.75 -12.97
CA ALA F 25 -7.36 -1.04 -11.70
C ALA F 25 -8.80 -0.91 -11.24
N ALA F 26 -9.79 -1.43 -11.95
CA ALA F 26 -11.21 -1.22 -11.57
C ALA F 26 -11.47 -1.74 -10.17
N THR F 27 -12.14 -0.94 -9.37
CA THR F 27 -12.65 -1.31 -8.05
C THR F 27 -14.18 -1.39 -8.05
N ILE F 28 -14.73 -1.92 -6.97
CA ILE F 28 -16.21 -1.94 -6.85
C ILE F 28 -16.72 -0.50 -6.80
N GLU F 29 -16.02 0.45 -6.18
CA GLU F 29 -16.45 1.87 -6.24
C GLU F 29 -16.49 2.34 -7.69
N ASP F 30 -15.49 2.00 -8.50
CA ASP F 30 -15.43 2.42 -9.91
C ASP F 30 -16.63 1.87 -10.68
N ILE F 31 -16.98 0.61 -10.41
CA ILE F 31 -18.09 -0.07 -11.14
C ILE F 31 -19.35 0.71 -10.80
N LEU F 32 -19.56 1.00 -9.52
CA LEU F 32 -20.81 1.69 -9.13
C LEU F 32 -20.83 3.08 -9.72
N ASP F 33 -19.72 3.81 -9.73
CA ASP F 33 -19.67 5.18 -10.26
C ASP F 33 -19.95 5.15 -11.77
N PHE F 34 -19.44 4.12 -12.47
CA PHE F 34 -19.63 3.96 -13.94
C PHE F 34 -21.11 3.77 -14.24
N LEU F 35 -21.85 3.06 -13.41
CA LEU F 35 -23.29 2.85 -13.66
C LEU F 35 -24.10 4.13 -13.43
N GLY F 36 -23.55 5.10 -12.71
CA GLY F 36 -24.25 6.38 -12.44
C GLY F 36 -25.62 6.18 -11.85
N GLU F 37 -26.66 6.72 -12.53
CA GLU F 37 -28.08 6.67 -12.09
C GLU F 37 -28.55 5.21 -11.94
N PHE F 38 -27.93 4.25 -12.63
CA PHE F 38 -28.35 2.84 -12.65
C PHE F 38 -27.80 2.08 -11.42
N ALA F 39 -26.86 2.67 -10.67
CA ALA F 39 -26.36 1.97 -9.45
C ALA F 39 -27.50 1.67 -8.46
N THR F 40 -28.52 2.51 -8.36
CA THR F 40 -29.66 2.28 -7.43
C THR F 40 -30.63 1.23 -8.00
N ASP F 41 -30.43 0.77 -9.23
CA ASP F 41 -31.30 -0.27 -9.79
C ASP F 41 -30.67 -1.65 -9.60
N ILE F 42 -29.50 -1.75 -8.92
CA ILE F 42 -28.92 -3.07 -8.57
C ILE F 42 -29.83 -3.81 -7.61
N ARG F 43 -30.04 -5.11 -7.80
CA ARG F 43 -31.04 -5.86 -6.98
C ARG F 43 -30.58 -6.48 -5.64
N THR F 44 -29.57 -7.26 -5.65
CA THR F 44 -29.06 -8.00 -4.48
C THR F 44 -27.99 -7.14 -3.77
N HIS F 45 -27.34 -7.74 -2.80
CA HIS F 45 -26.21 -7.08 -2.09
C HIS F 45 -24.87 -7.60 -2.61
N GLY F 46 -24.80 -8.02 -3.85
CA GLY F 46 -23.56 -8.59 -4.42
C GLY F 46 -23.36 -8.20 -5.87
N VAL F 47 -22.09 -8.01 -6.22
CA VAL F 47 -21.57 -7.88 -7.59
C VAL F 47 -20.63 -9.04 -7.84
N HIS F 48 -20.73 -9.74 -8.96
CA HIS F 48 -19.89 -10.93 -9.24
C HIS F 48 -18.69 -10.57 -10.07
N MET F 49 -17.48 -10.76 -9.57
CA MET F 49 -16.27 -10.62 -10.41
C MET F 49 -15.93 -11.97 -10.96
N VAL F 50 -15.78 -12.05 -12.26
CA VAL F 50 -15.71 -13.35 -12.99
C VAL F 50 -14.26 -13.83 -13.14
N LEU F 51 -14.06 -15.10 -12.84
CA LEU F 51 -12.79 -15.80 -13.09
C LEU F 51 -12.90 -16.59 -14.39
N ASN F 52 -11.83 -16.60 -15.21
CA ASN F 52 -11.82 -17.32 -16.52
C ASN F 52 -11.57 -18.80 -16.29
N HIS F 53 -11.41 -19.54 -17.40
CA HIS F 53 -11.36 -21.03 -17.34
C HIS F 53 -10.10 -21.52 -16.64
N GLN F 54 -9.12 -20.64 -16.39
CA GLN F 54 -7.89 -20.98 -15.64
C GLN F 54 -7.99 -20.49 -14.19
N GLY F 55 -9.09 -19.89 -13.76
CA GLY F 55 -9.22 -19.36 -12.37
C GLY F 55 -8.56 -17.99 -12.18
N ARG F 56 -8.29 -17.31 -13.27
CA ARG F 56 -7.55 -16.05 -13.29
C ARG F 56 -8.55 -14.95 -13.60
N PRO F 57 -8.21 -13.68 -13.40
CA PRO F 57 -9.18 -12.62 -13.66
C PRO F 57 -9.57 -12.54 -15.14
N SER F 58 -10.81 -12.21 -15.41
CA SER F 58 -11.34 -12.11 -16.79
C SER F 58 -11.49 -10.65 -17.24
N GLY F 59 -11.65 -9.71 -16.32
CA GLY F 59 -12.07 -8.36 -16.65
C GLY F 59 -13.57 -8.23 -16.86
N ASP F 60 -14.30 -9.27 -16.56
CA ASP F 60 -15.78 -9.28 -16.61
C ASP F 60 -16.37 -9.20 -15.21
N ALA F 61 -17.60 -8.74 -15.15
CA ALA F 61 -18.43 -8.73 -13.93
C ALA F 61 -19.88 -8.92 -14.32
N PHE F 62 -20.66 -9.48 -13.42
CA PHE F 62 -22.12 -9.59 -13.61
C PHE F 62 -22.81 -8.86 -12.46
N ILE F 63 -23.88 -8.18 -12.80
CA ILE F 63 -24.75 -7.47 -11.83
C ILE F 63 -26.20 -7.76 -12.16
N GLN F 64 -26.96 -8.20 -11.17
CA GLN F 64 -28.39 -8.39 -11.33
C GLN F 64 -29.10 -7.06 -11.02
N MET F 65 -29.96 -6.64 -11.94
CA MET F 65 -30.76 -5.40 -11.81
C MET F 65 -32.20 -5.79 -11.39
N LYS F 66 -32.95 -4.75 -11.04
CA LYS F 66 -34.30 -4.90 -10.47
C LYS F 66 -35.33 -5.18 -11.57
N SER F 67 -35.01 -4.96 -12.83
CA SER F 67 -35.92 -5.31 -13.95
C SER F 67 -35.16 -5.41 -15.24
N ALA F 68 -35.73 -6.08 -16.22
CA ALA F 68 -35.16 -6.12 -17.59
C ALA F 68 -35.15 -4.70 -18.17
N ASP F 69 -36.14 -3.87 -17.93
CA ASP F 69 -36.11 -2.55 -18.56
C ASP F 69 -34.95 -1.75 -17.98
N ARG F 70 -34.67 -1.86 -16.69
CA ARG F 70 -33.53 -1.13 -16.14
C ARG F 70 -32.20 -1.70 -16.67
N ALA F 71 -32.09 -3.00 -16.87
CA ALA F 71 -30.91 -3.60 -17.49
C ALA F 71 -30.73 -3.10 -18.92
N PHE F 72 -31.79 -3.03 -19.67
CA PHE F 72 -31.76 -2.51 -21.06
C PHE F 72 -31.31 -1.05 -21.02
N MET F 73 -31.86 -0.24 -20.16
CA MET F 73 -31.51 1.20 -20.12
C MET F 73 -30.08 1.36 -19.65
N ALA F 74 -29.63 0.56 -18.69
CA ALA F 74 -28.25 0.67 -18.21
C ALA F 74 -27.31 0.33 -19.35
N ALA F 75 -27.59 -0.73 -20.10
CA ALA F 75 -26.75 -1.12 -21.24
C ALA F 75 -26.80 0.01 -22.27
N GLN F 76 -27.96 0.63 -22.50
CA GLN F 76 -28.05 1.68 -23.54
C GLN F 76 -27.09 2.80 -23.15
N LYS F 77 -27.12 3.21 -21.90
CA LYS F 77 -26.36 4.40 -21.42
C LYS F 77 -24.89 4.07 -21.33
N CYS F 78 -24.53 2.88 -20.87
CA CYS F 78 -23.16 2.58 -20.37
C CYS F 78 -22.37 1.73 -21.36
N HIS F 79 -22.96 1.04 -22.33
CA HIS F 79 -22.17 0.22 -23.29
C HIS F 79 -21.18 1.11 -24.05
N LYS F 80 -19.90 0.78 -23.93
CA LYS F 80 -18.73 1.47 -24.55
C LYS F 80 -18.53 2.84 -23.91
N LYS F 81 -19.03 3.10 -22.72
CA LYS F 81 -18.71 4.32 -21.94
C LYS F 81 -17.28 4.18 -21.39
N ASN F 82 -16.62 5.31 -21.15
CA ASN F 82 -15.23 5.35 -20.63
C ASN F 82 -15.21 5.01 -19.13
N MET F 83 -14.37 4.07 -18.73
CA MET F 83 -13.90 3.88 -17.34
C MET F 83 -12.35 3.85 -17.42
N LYS F 84 -11.68 4.89 -16.92
CA LYS F 84 -10.20 4.90 -16.75
C LYS F 84 -9.57 4.52 -18.10
N ASP F 85 -10.06 5.10 -19.20
CA ASP F 85 -9.46 5.03 -20.56
C ASP F 85 -9.76 3.67 -21.23
N ARG F 86 -10.66 2.84 -20.70
CA ARG F 86 -11.23 1.69 -21.45
C ARG F 86 -12.65 2.04 -21.85
N TYR F 87 -13.08 1.65 -23.04
CA TYR F 87 -14.53 1.65 -23.42
C TYR F 87 -15.13 0.29 -23.01
N VAL F 88 -15.82 0.32 -21.87
CA VAL F 88 -16.26 -0.93 -21.21
C VAL F 88 -17.56 -1.38 -21.88
N GLU F 89 -17.60 -2.64 -22.22
CA GLU F 89 -18.79 -3.26 -22.85
C GLU F 89 -19.83 -3.55 -21.78
N VAL F 90 -21.09 -3.31 -22.09
CA VAL F 90 -22.22 -3.61 -21.15
C VAL F 90 -23.27 -4.40 -21.94
N PHE F 91 -23.54 -5.63 -21.52
CA PHE F 91 -24.36 -6.58 -22.26
C PHE F 91 -25.52 -7.00 -21.38
N GLN F 92 -26.72 -6.89 -21.86
CA GLN F 92 -27.93 -7.29 -21.16
C GLN F 92 -28.11 -8.80 -21.28
N CYS F 93 -28.37 -9.48 -20.17
CA CYS F 93 -28.39 -10.95 -20.16
C CYS F 93 -29.32 -11.45 -19.06
N SER F 94 -29.58 -12.77 -19.08
CA SER F 94 -30.46 -13.38 -18.05
C SER F 94 -29.68 -13.88 -16.86
N ALA F 95 -30.36 -14.15 -15.77
CA ALA F 95 -29.73 -14.74 -14.58
C ALA F 95 -29.27 -16.17 -14.95
N GLU F 96 -30.00 -16.89 -15.79
CA GLU F 96 -29.53 -18.23 -16.22
C GLU F 96 -28.21 -18.09 -16.96
N GLU F 97 -28.05 -17.11 -17.82
CA GLU F 97 -26.78 -16.90 -18.54
C GLU F 97 -25.68 -16.62 -17.51
N MET F 98 -25.94 -15.71 -16.56
CA MET F 98 -24.95 -15.37 -15.52
C MET F 98 -24.59 -16.62 -14.72
N ASN F 99 -25.57 -17.41 -14.31
CA ASN F 99 -25.28 -18.57 -13.44
C ASN F 99 -24.59 -19.66 -14.26
N PHE F 100 -24.88 -19.77 -15.54
CA PHE F 100 -24.19 -20.73 -16.43
C PHE F 100 -22.71 -20.35 -16.49
N VAL F 101 -22.39 -19.07 -16.67
CA VAL F 101 -20.97 -18.66 -16.73
C VAL F 101 -20.33 -18.96 -15.35
N LEU F 102 -21.04 -18.67 -14.25
CA LEU F 102 -20.43 -18.86 -12.91
C LEU F 102 -20.15 -20.35 -12.64
N MET F 103 -20.80 -21.28 -13.33
CA MET F 103 -20.46 -22.73 -13.18
C MET F 103 -19.53 -23.20 -14.27
N GLY F 104 -18.97 -22.33 -15.08
CA GLY F 104 -17.92 -22.73 -16.04
C GLY F 104 -18.38 -22.70 -17.47
N GLY F 105 -19.59 -22.27 -17.76
CA GLY F 105 -20.11 -22.23 -19.13
C GLY F 105 -19.56 -21.04 -19.91
N THR F 106 -19.67 -21.11 -21.24
CA THR F 106 -19.30 -20.01 -22.17
C THR F 106 -20.57 -19.59 -22.90
N LEU F 107 -20.90 -18.30 -22.87
CA LEU F 107 -22.02 -17.76 -23.67
C LEU F 107 -21.57 -17.62 -25.10
N ASN F 108 -22.38 -18.13 -26.01
CA ASN F 108 -22.13 -17.96 -27.46
C ASN F 108 -22.91 -16.74 -27.95
N ARG F 109 -23.94 -16.32 -27.21
CA ARG F 109 -24.74 -15.14 -27.61
C ARG F 109 -23.93 -13.86 -27.33
N ASN F 110 -23.86 -12.92 -28.27
CA ASN F 110 -23.17 -11.62 -28.00
C ASN F 110 -24.03 -10.49 -28.57
N PHE G 7 -33.63 -15.17 13.28
CA PHE G 7 -33.12 -16.17 12.31
C PHE G 7 -31.59 -16.24 12.39
N VAL G 8 -31.04 -17.45 12.43
CA VAL G 8 -29.57 -17.70 12.34
C VAL G 8 -29.31 -18.59 11.13
N PRO G 9 -28.51 -18.18 10.12
CA PRO G 9 -28.31 -19.05 8.96
C PRO G 9 -27.57 -20.31 9.36
N PRO G 10 -27.93 -21.46 8.76
CA PRO G 10 -27.24 -22.71 9.01
C PRO G 10 -25.75 -22.58 8.72
N THR G 11 -24.92 -23.30 9.48
CA THR G 11 -23.45 -23.22 9.30
C THR G 11 -22.86 -24.59 9.58
N ASN G 12 -23.31 -25.58 8.85
CA ASN G 12 -22.89 -26.99 9.04
C ASN G 12 -21.82 -27.39 8.05
N VAL G 13 -21.85 -26.80 6.85
CA VAL G 13 -20.87 -27.11 5.79
C VAL G 13 -20.09 -25.82 5.55
N ARG G 14 -18.88 -25.73 6.07
CA ARG G 14 -18.16 -24.44 6.05
C ARG G 14 -17.13 -24.42 4.92
N ASP G 15 -17.61 -24.35 3.68
CA ASP G 15 -16.75 -24.41 2.46
C ASP G 15 -16.60 -23.03 1.83
N CYS G 16 -16.98 -21.97 2.51
CA CYS G 16 -16.79 -20.59 1.96
C CYS G 16 -15.85 -19.81 2.85
N ILE G 17 -15.33 -18.72 2.29
CA ILE G 17 -14.58 -17.72 3.09
C ILE G 17 -15.16 -16.34 2.87
N ARG G 18 -15.21 -15.57 3.92
CA ARG G 18 -15.51 -14.15 3.91
C ARG G 18 -14.20 -13.38 4.06
N LEU G 19 -13.93 -12.45 3.17
CA LEU G 19 -12.87 -11.45 3.33
C LEU G 19 -13.52 -10.18 3.84
N ARG G 20 -12.97 -9.59 4.90
CA ARG G 20 -13.58 -8.40 5.54
C ARG G 20 -12.53 -7.33 5.75
N GLY G 21 -12.91 -6.10 5.43
CA GLY G 21 -12.00 -4.95 5.53
C GLY G 21 -11.14 -4.86 4.30
N LEU G 22 -11.70 -5.11 3.12
CA LEU G 22 -10.94 -4.93 1.88
C LEU G 22 -10.59 -3.47 1.67
N PRO G 23 -9.41 -3.20 1.08
CA PRO G 23 -9.03 -1.84 0.71
C PRO G 23 -10.06 -1.23 -0.24
N TYR G 24 -10.19 0.09 -0.11
CA TYR G 24 -10.93 0.94 -1.05
C TYR G 24 -10.44 0.72 -2.49
N ALA G 25 -9.15 0.52 -2.69
CA ALA G 25 -8.54 0.39 -4.03
C ALA G 25 -8.36 -1.07 -4.43
N ALA G 26 -9.00 -2.03 -3.77
CA ALA G 26 -8.77 -3.47 -4.07
C ALA G 26 -9.30 -3.82 -5.45
N THR G 27 -8.54 -4.61 -6.15
CA THR G 27 -8.97 -5.22 -7.44
C THR G 27 -9.12 -6.72 -7.32
N ILE G 28 -9.68 -7.38 -8.33
CA ILE G 28 -9.76 -8.84 -8.33
C ILE G 28 -8.33 -9.44 -8.31
N GLU G 29 -7.38 -8.84 -8.99
CA GLU G 29 -6.00 -9.36 -9.01
C GLU G 29 -5.44 -9.27 -7.58
N ASP G 30 -5.76 -8.22 -6.84
CA ASP G 30 -5.27 -8.10 -5.44
C ASP G 30 -5.86 -9.21 -4.59
N ILE G 31 -7.11 -9.54 -4.77
CA ILE G 31 -7.72 -10.64 -4.00
C ILE G 31 -7.05 -11.96 -4.38
N LEU G 32 -6.80 -12.25 -5.66
CA LEU G 32 -6.14 -13.51 -6.03
C LEU G 32 -4.69 -13.54 -5.51
N ASP G 33 -3.95 -12.44 -5.62
CA ASP G 33 -2.57 -12.38 -5.07
C ASP G 33 -2.58 -12.68 -3.59
N PHE G 34 -3.54 -12.14 -2.85
CA PHE G 34 -3.73 -12.35 -1.40
C PHE G 34 -3.99 -13.81 -1.10
N LEU G 35 -4.81 -14.49 -1.89
CA LEU G 35 -5.09 -15.93 -1.65
C LEU G 35 -3.89 -16.78 -2.04
N GLY G 36 -3.11 -16.37 -3.05
CA GLY G 36 -1.94 -17.11 -3.54
C GLY G 36 -2.28 -18.53 -3.94
N GLU G 37 -1.63 -19.50 -3.29
CA GLU G 37 -1.82 -20.96 -3.58
C GLU G 37 -3.30 -21.32 -3.48
N PHE G 38 -4.09 -20.60 -2.66
CA PHE G 38 -5.51 -20.98 -2.50
C PHE G 38 -6.42 -20.46 -3.60
N ALA G 39 -5.90 -19.66 -4.53
CA ALA G 39 -6.71 -19.19 -5.67
C ALA G 39 -7.20 -20.40 -6.51
N THR G 40 -6.38 -21.43 -6.66
CA THR G 40 -6.76 -22.66 -7.42
C THR G 40 -7.79 -23.48 -6.65
N ASP G 41 -8.14 -23.12 -5.42
CA ASP G 41 -9.10 -23.88 -4.58
C ASP G 41 -10.48 -23.22 -4.62
N ILE G 42 -10.67 -22.19 -5.43
CA ILE G 42 -12.00 -21.54 -5.60
C ILE G 42 -12.90 -22.47 -6.40
N ARG G 43 -14.15 -22.65 -5.96
CA ARG G 43 -15.03 -23.62 -6.68
C ARG G 43 -15.79 -23.09 -7.90
N THR G 44 -16.37 -21.95 -7.80
CA THR G 44 -17.15 -21.44 -8.94
C THR G 44 -16.23 -20.52 -9.75
N HIS G 45 -16.78 -19.80 -10.68
CA HIS G 45 -16.03 -18.77 -11.44
C HIS G 45 -16.33 -17.36 -10.98
N GLY G 46 -16.78 -17.19 -9.76
CA GLY G 46 -17.13 -15.84 -9.28
C GLY G 46 -16.58 -15.57 -7.88
N VAL G 47 -16.21 -14.32 -7.64
CA VAL G 47 -15.94 -13.70 -6.32
C VAL G 47 -17.05 -12.70 -6.08
N HIS G 48 -17.74 -12.80 -4.97
CA HIS G 48 -18.86 -11.89 -4.68
C HIS G 48 -18.40 -10.68 -3.89
N MET G 49 -18.48 -9.51 -4.45
CA MET G 49 -18.21 -8.24 -3.76
C MET G 49 -19.49 -7.76 -3.12
N VAL G 50 -19.50 -7.52 -1.83
CA VAL G 50 -20.72 -7.26 -1.07
C VAL G 50 -21.04 -5.76 -0.98
N LEU G 51 -22.31 -5.44 -1.15
CA LEU G 51 -22.88 -4.08 -0.99
C LEU G 51 -23.65 -3.97 0.34
N ASN G 52 -23.62 -2.78 0.93
CA ASN G 52 -24.41 -2.47 2.14
C ASN G 52 -25.85 -2.09 1.76
N HIS G 53 -26.61 -1.61 2.74
CA HIS G 53 -28.06 -1.39 2.54
C HIS G 53 -28.29 -0.18 1.66
N GLN G 54 -27.30 0.68 1.49
CA GLN G 54 -27.35 1.88 0.60
C GLN G 54 -26.79 1.52 -0.78
N GLY G 55 -26.46 0.25 -1.03
CA GLY G 55 -25.97 -0.17 -2.36
C GLY G 55 -24.54 0.25 -2.63
N ARG G 56 -23.79 0.62 -1.59
CA ARG G 56 -22.36 0.95 -1.71
C ARG G 56 -21.52 -0.18 -1.14
N PRO G 57 -20.22 -0.24 -1.43
CA PRO G 57 -19.40 -1.36 -0.99
C PRO G 57 -19.36 -1.47 0.55
N SER G 58 -19.50 -2.68 1.06
CA SER G 58 -19.43 -2.92 2.52
C SER G 58 -18.00 -3.19 2.99
N GLY G 59 -17.09 -3.52 2.09
CA GLY G 59 -15.73 -3.95 2.47
C GLY G 59 -15.61 -5.46 2.59
N ASP G 60 -16.69 -6.21 2.41
CA ASP G 60 -16.70 -7.69 2.49
C ASP G 60 -16.69 -8.28 1.06
N ALA G 61 -16.19 -9.50 0.96
CA ALA G 61 -16.35 -10.36 -0.21
C ALA G 61 -16.57 -11.77 0.28
N PHE G 62 -17.27 -12.58 -0.48
CA PHE G 62 -17.39 -14.02 -0.25
C PHE G 62 -16.86 -14.82 -1.43
N ILE G 63 -16.31 -15.97 -1.11
CA ILE G 63 -15.76 -16.92 -2.11
C ILE G 63 -16.11 -18.34 -1.70
N GLN G 64 -16.72 -19.11 -2.57
CA GLN G 64 -16.94 -20.55 -2.27
C GLN G 64 -15.68 -21.30 -2.68
N MET G 65 -15.18 -22.13 -1.77
CA MET G 65 -14.01 -22.99 -1.99
C MET G 65 -14.43 -24.42 -2.32
N LYS G 66 -13.48 -25.22 -2.80
CA LYS G 66 -13.78 -26.61 -3.21
C LYS G 66 -14.03 -27.54 -2.05
N SER G 67 -13.74 -27.16 -0.80
CA SER G 67 -14.01 -28.02 0.38
C SER G 67 -13.89 -27.19 1.63
N ALA G 68 -14.42 -27.67 2.71
CA ALA G 68 -14.24 -27.03 4.02
C ALA G 68 -12.77 -27.05 4.41
N ASP G 69 -12.05 -28.12 4.12
CA ASP G 69 -10.60 -28.16 4.47
C ASP G 69 -9.83 -27.05 3.72
N ARG G 70 -10.10 -26.80 2.44
CA ARG G 70 -9.41 -25.69 1.72
C ARG G 70 -9.84 -24.36 2.31
N ALA G 71 -11.10 -24.16 2.68
CA ALA G 71 -11.53 -22.90 3.33
C ALA G 71 -10.76 -22.72 4.63
N PHE G 72 -10.64 -23.75 5.45
CA PHE G 72 -9.95 -23.69 6.75
C PHE G 72 -8.48 -23.29 6.50
N MET G 73 -7.84 -23.93 5.55
CA MET G 73 -6.40 -23.68 5.25
C MET G 73 -6.24 -22.24 4.74
N ALA G 74 -7.14 -21.77 3.91
CA ALA G 74 -7.02 -20.40 3.38
C ALA G 74 -7.19 -19.41 4.51
N ALA G 75 -8.17 -19.59 5.38
CA ALA G 75 -8.39 -18.70 6.53
C ALA G 75 -7.20 -18.76 7.49
N GLN G 76 -6.65 -19.95 7.72
CA GLN G 76 -5.50 -20.06 8.64
C GLN G 76 -4.34 -19.21 8.11
N LYS G 77 -4.08 -19.30 6.80
CA LYS G 77 -2.89 -18.63 6.24
C LYS G 77 -3.17 -17.13 6.05
N CYS G 78 -4.36 -16.75 5.64
CA CYS G 78 -4.61 -15.38 5.13
C CYS G 78 -5.29 -14.47 6.13
N HIS G 79 -5.87 -14.94 7.23
CA HIS G 79 -6.55 -14.09 8.20
C HIS G 79 -5.59 -13.01 8.72
N LYS G 80 -5.98 -11.74 8.54
CA LYS G 80 -5.22 -10.50 8.96
C LYS G 80 -3.95 -10.32 8.16
N LYS G 81 -3.83 -10.96 7.03
CA LYS G 81 -2.73 -10.69 6.11
C LYS G 81 -2.91 -9.30 5.46
N ASN G 82 -1.77 -8.66 5.12
CA ASN G 82 -1.81 -7.34 4.50
C ASN G 82 -2.30 -7.42 3.04
N MET G 83 -3.12 -6.47 2.67
CA MET G 83 -3.42 -6.13 1.27
C MET G 83 -3.47 -4.61 1.18
N LYS G 84 -2.53 -4.02 0.43
CA LYS G 84 -2.47 -2.55 0.27
C LYS G 84 -2.48 -1.91 1.66
N ASP G 85 -3.46 -1.05 1.98
CA ASP G 85 -3.48 -0.25 3.22
C ASP G 85 -4.09 -1.04 4.38
N ARG G 86 -4.58 -2.26 4.13
CA ARG G 86 -5.40 -2.99 5.13
C ARG G 86 -4.81 -4.33 5.54
N TYR G 87 -5.32 -4.83 6.67
CA TYR G 87 -5.09 -6.18 7.19
C TYR G 87 -6.46 -6.85 7.13
N VAL G 88 -6.60 -7.73 6.16
CA VAL G 88 -7.92 -8.24 5.75
C VAL G 88 -8.24 -9.48 6.58
N GLU G 89 -9.40 -9.46 7.24
CA GLU G 89 -9.89 -10.64 7.98
C GLU G 89 -10.37 -11.72 7.00
N VAL G 90 -10.15 -12.96 7.35
CA VAL G 90 -10.61 -14.11 6.53
C VAL G 90 -11.30 -15.08 7.46
N PHE G 91 -12.56 -15.36 7.21
CA PHE G 91 -13.47 -16.06 8.13
C PHE G 91 -14.09 -17.23 7.38
N GLN G 92 -13.97 -18.43 7.85
CA GLN G 92 -14.56 -19.66 7.28
C GLN G 92 -16.06 -19.70 7.61
N CYS G 93 -16.90 -19.89 6.61
CA CYS G 93 -18.35 -19.80 6.78
C CYS G 93 -19.06 -20.74 5.78
N SER G 94 -20.36 -20.81 5.91
CA SER G 94 -21.19 -21.65 5.03
C SER G 94 -21.76 -20.84 3.86
N ALA G 95 -22.28 -21.58 2.89
CA ALA G 95 -22.96 -20.94 1.74
C ALA G 95 -24.24 -20.29 2.20
N GLU G 96 -24.93 -20.85 3.19
CA GLU G 96 -26.15 -20.19 3.67
C GLU G 96 -25.80 -18.85 4.33
N GLU G 97 -24.70 -18.80 5.08
CA GLU G 97 -24.21 -17.53 5.67
C GLU G 97 -23.93 -16.53 4.55
N MET G 98 -23.21 -16.94 3.50
CA MET G 98 -22.90 -16.07 2.37
C MET G 98 -24.20 -15.59 1.72
N ASN G 99 -25.13 -16.51 1.43
CA ASN G 99 -26.34 -16.15 0.66
C ASN G 99 -27.28 -15.29 1.54
N PHE G 100 -27.29 -15.46 2.85
CA PHE G 100 -28.04 -14.58 3.75
C PHE G 100 -27.52 -13.17 3.64
N VAL G 101 -26.21 -12.99 3.67
CA VAL G 101 -25.64 -11.64 3.52
C VAL G 101 -25.95 -11.08 2.13
N LEU G 102 -25.93 -11.90 1.07
CA LEU G 102 -26.22 -11.39 -0.29
C LEU G 102 -27.67 -10.95 -0.44
N MET G 103 -28.59 -11.38 0.42
CA MET G 103 -29.98 -10.87 0.37
C MET G 103 -30.21 -9.84 1.49
N GLY G 104 -29.15 -9.32 2.13
CA GLY G 104 -29.29 -8.15 3.01
C GLY G 104 -29.20 -8.49 4.48
N GLY G 105 -28.95 -9.76 4.80
CA GLY G 105 -28.82 -10.20 6.21
C GLY G 105 -27.54 -9.74 6.83
N THR G 106 -27.53 -9.60 8.14
CA THR G 106 -26.31 -9.28 8.92
C THR G 106 -25.83 -10.54 9.60
N LEU G 107 -24.61 -10.98 9.29
CA LEU G 107 -24.08 -12.25 9.83
C LEU G 107 -23.47 -11.96 11.21
N ASN G 108 -24.07 -12.52 12.26
CA ASN G 108 -23.63 -12.24 13.64
C ASN G 108 -22.48 -13.16 14.06
N ARG G 109 -22.38 -14.39 13.54
CA ARG G 109 -21.30 -15.33 13.96
C ARG G 109 -19.98 -14.72 13.48
N ASN G 110 -18.96 -14.75 14.33
CA ASN G 110 -17.67 -14.13 13.99
C ASN G 110 -16.54 -15.02 14.53
N PHE H 7 -31.83 -5.14 30.06
CA PHE H 7 -31.42 -3.69 30.16
C PHE H 7 -31.04 -3.10 28.81
N VAL H 8 -31.67 -1.98 28.51
CA VAL H 8 -31.42 -1.17 27.29
C VAL H 8 -31.09 0.24 27.78
N PRO H 9 -29.90 0.81 27.48
CA PRO H 9 -29.62 2.17 27.96
C PRO H 9 -30.60 3.17 27.41
N PRO H 10 -30.98 4.19 28.20
CA PRO H 10 -31.87 5.25 27.77
C PRO H 10 -31.35 5.95 26.52
N THR H 11 -32.26 6.45 25.71
CA THR H 11 -31.94 6.92 24.35
C THR H 11 -32.68 8.23 24.10
N ASN H 12 -33.20 8.88 25.13
CA ASN H 12 -34.06 10.07 24.97
C ASN H 12 -33.26 11.29 24.53
N VAL H 13 -32.03 11.45 24.97
CA VAL H 13 -31.25 12.67 24.66
C VAL H 13 -30.04 12.25 23.85
N ARG H 14 -30.10 12.34 22.55
CA ARG H 14 -29.03 11.77 21.69
C ARG H 14 -28.08 12.89 21.26
N ASP H 15 -27.26 13.38 22.19
CA ASP H 15 -26.34 14.52 21.98
C ASP H 15 -24.89 14.06 21.89
N CYS H 16 -24.64 12.79 21.69
CA CYS H 16 -23.28 12.26 21.44
C CYS H 16 -23.20 11.66 20.04
N ILE H 17 -21.98 11.52 19.55
CA ILE H 17 -21.70 10.74 18.34
C ILE H 17 -20.70 9.64 18.65
N ARG H 18 -20.92 8.52 18.03
CA ARG H 18 -19.96 7.43 17.95
C ARG H 18 -19.34 7.40 16.56
N LEU H 19 -18.03 7.43 16.51
CA LEU H 19 -17.28 7.15 15.27
C LEU H 19 -16.92 5.68 15.24
N ARG H 20 -17.00 5.04 14.09
CA ARG H 20 -16.69 3.61 13.97
C ARG H 20 -15.97 3.38 12.64
N GLY H 21 -14.97 2.51 12.64
CA GLY H 21 -14.19 2.19 11.43
C GLY H 21 -13.06 3.17 11.24
N LEU H 22 -12.59 3.81 12.31
CA LEU H 22 -11.37 4.62 12.20
C LEU H 22 -10.21 3.71 11.84
N PRO H 23 -9.23 4.24 11.12
CA PRO H 23 -7.95 3.53 11.11
C PRO H 23 -7.38 3.50 12.57
N TYR H 24 -6.91 2.33 13.09
CA TYR H 24 -6.27 2.28 14.43
C TYR H 24 -5.12 3.33 14.53
N ALA H 25 -4.37 3.74 13.46
CA ALA H 25 -3.38 4.85 13.51
C ALA H 25 -4.03 6.25 13.42
N ALA H 26 -5.32 6.35 13.69
CA ALA H 26 -6.04 7.66 13.64
C ALA H 26 -5.61 8.60 14.76
N THR H 27 -5.42 9.85 14.43
CA THR H 27 -5.02 10.85 15.42
C THR H 27 -6.24 11.72 15.74
N ILE H 28 -6.17 12.50 16.81
CA ILE H 28 -7.22 13.48 17.12
C ILE H 28 -7.32 14.52 16.01
N GLU H 29 -6.21 14.94 15.44
CA GLU H 29 -6.31 15.89 14.30
C GLU H 29 -7.07 15.25 13.14
N ASP H 30 -6.81 13.97 12.86
CA ASP H 30 -7.59 13.26 11.80
C ASP H 30 -9.08 13.40 12.09
N ILE H 31 -9.46 13.13 13.34
CA ILE H 31 -10.92 13.15 13.72
C ILE H 31 -11.47 14.59 13.60
N LEU H 32 -10.76 15.59 14.09
CA LEU H 32 -11.27 16.97 14.02
C LEU H 32 -11.40 17.40 12.56
N ASP H 33 -10.42 17.10 11.72
CA ASP H 33 -10.44 17.50 10.29
C ASP H 33 -11.62 16.79 9.58
N PHE H 34 -11.87 15.53 9.90
CA PHE H 34 -13.00 14.74 9.37
C PHE H 34 -14.31 15.43 9.76
N LEU H 35 -14.42 15.89 11.01
CA LEU H 35 -15.69 16.50 11.47
C LEU H 35 -15.90 17.84 10.77
N GLY H 36 -14.83 18.51 10.35
CA GLY H 36 -14.99 19.78 9.63
C GLY H 36 -15.70 20.79 10.52
N GLU H 37 -16.79 21.40 10.03
CA GLU H 37 -17.58 22.41 10.77
C GLU H 37 -18.02 21.87 12.14
N PHE H 38 -18.20 20.55 12.29
CA PHE H 38 -18.75 20.01 13.53
C PHE H 38 -17.67 19.87 14.59
N ALA H 39 -16.40 20.14 14.29
CA ALA H 39 -15.34 20.08 15.32
C ALA H 39 -15.62 21.14 16.39
N THR H 40 -16.26 22.26 16.04
CA THR H 40 -16.58 23.34 17.01
C THR H 40 -17.92 23.07 17.68
N ASP H 41 -18.56 21.92 17.43
CA ASP H 41 -19.83 21.55 18.11
C ASP H 41 -19.57 20.49 19.19
N ILE H 42 -18.32 20.25 19.53
CA ILE H 42 -17.93 19.35 20.63
C ILE H 42 -18.12 20.06 21.98
N ARG H 43 -18.69 19.36 22.96
CA ARG H 43 -18.97 19.98 24.26
C ARG H 43 -17.83 19.72 25.25
N THR H 44 -17.38 18.51 25.41
CA THR H 44 -16.35 18.43 26.49
C THR H 44 -14.96 18.74 25.92
N HIS H 45 -13.96 18.78 26.76
CA HIS H 45 -12.57 18.95 26.28
C HIS H 45 -11.90 17.60 26.09
N GLY H 46 -12.63 16.61 25.62
CA GLY H 46 -12.08 15.25 25.44
C GLY H 46 -12.74 14.53 24.31
N VAL H 47 -12.00 13.60 23.73
CA VAL H 47 -12.48 12.55 22.79
C VAL H 47 -12.22 11.22 23.49
N HIS H 48 -13.22 10.36 23.59
CA HIS H 48 -13.13 9.07 24.29
C HIS H 48 -12.79 7.97 23.28
N MET H 49 -11.54 7.58 23.19
CA MET H 49 -11.13 6.48 22.32
C MET H 49 -11.48 5.16 22.98
N VAL H 50 -12.10 4.26 22.25
CA VAL H 50 -12.70 3.04 22.83
C VAL H 50 -11.75 1.86 22.67
N LEU H 51 -11.57 1.15 23.76
CA LEU H 51 -10.86 -0.15 23.76
C LEU H 51 -11.90 -1.27 23.63
N ASN H 52 -11.52 -2.32 22.93
CA ASN H 52 -12.37 -3.52 22.75
C ASN H 52 -12.30 -4.42 23.99
N HIS H 53 -12.96 -5.57 23.93
CA HIS H 53 -13.13 -6.46 25.10
C HIS H 53 -11.81 -7.11 25.51
N GLN H 54 -10.79 -7.05 24.65
CA GLN H 54 -9.42 -7.53 24.93
C GLN H 54 -8.51 -6.34 25.33
N GLY H 55 -9.06 -5.13 25.51
CA GLY H 55 -8.27 -3.94 25.87
C GLY H 55 -7.42 -3.40 24.71
N ARG H 56 -7.78 -3.72 23.47
CA ARG H 56 -7.01 -3.29 22.27
C ARG H 56 -7.79 -2.22 21.50
N PRO H 57 -7.19 -1.49 20.55
CA PRO H 57 -7.93 -0.49 19.78
C PRO H 57 -9.12 -1.11 19.03
N SER H 58 -10.24 -0.41 19.08
CA SER H 58 -11.52 -0.88 18.49
C SER H 58 -11.77 -0.22 17.12
N GLY H 59 -11.22 0.97 16.87
CA GLY H 59 -11.64 1.77 15.72
C GLY H 59 -12.83 2.66 16.03
N ASP H 60 -13.31 2.65 17.28
CA ASP H 60 -14.47 3.44 17.75
C ASP H 60 -13.98 4.58 18.63
N ALA H 61 -14.75 5.63 18.63
CA ALA H 61 -14.59 6.77 19.54
C ALA H 61 -15.98 7.33 19.86
N PHE H 62 -16.11 7.95 21.02
CA PHE H 62 -17.30 8.73 21.40
C PHE H 62 -16.93 10.16 21.66
N ILE H 63 -17.84 11.05 21.26
CA ILE H 63 -17.69 12.50 21.46
C ILE H 63 -19.02 13.07 21.92
N GLN H 64 -19.01 13.78 23.03
CA GLN H 64 -20.21 14.49 23.50
C GLN H 64 -20.34 15.80 22.72
N MET H 65 -21.46 16.05 22.07
CA MET H 65 -21.70 17.28 21.30
C MET H 65 -22.56 18.26 22.11
N LYS H 66 -22.69 19.46 21.56
CA LYS H 66 -23.39 20.56 22.25
C LYS H 66 -24.89 20.33 22.31
N SER H 67 -25.47 19.53 21.43
CA SER H 67 -26.92 19.29 21.45
C SER H 67 -27.24 18.10 20.58
N ALA H 68 -28.44 17.57 20.72
CA ALA H 68 -28.95 16.53 19.82
C ALA H 68 -29.03 17.07 18.41
N ASP H 69 -29.42 18.33 18.21
CA ASP H 69 -29.53 18.91 16.86
C ASP H 69 -28.15 18.87 16.18
N ARG H 70 -27.08 19.25 16.87
CA ARG H 70 -25.73 19.26 16.27
C ARG H 70 -25.23 17.83 16.08
N ALA H 71 -25.58 16.88 16.93
CA ALA H 71 -25.15 15.47 16.75
C ALA H 71 -25.87 14.92 15.52
N PHE H 72 -27.15 15.26 15.34
CA PHE H 72 -27.91 14.78 14.15
C PHE H 72 -27.24 15.32 12.89
N MET H 73 -26.94 16.61 12.85
CA MET H 73 -26.37 17.24 11.63
C MET H 73 -24.95 16.69 11.37
N ALA H 74 -24.18 16.41 12.44
CA ALA H 74 -22.85 15.80 12.26
C ALA H 74 -23.03 14.44 11.64
N ALA H 75 -23.95 13.61 12.11
CA ALA H 75 -24.20 12.26 11.54
C ALA H 75 -24.69 12.41 10.10
N GLN H 76 -25.58 13.34 9.80
CA GLN H 76 -26.09 13.52 8.42
C GLN H 76 -24.92 13.78 7.48
N LYS H 77 -24.00 14.69 7.84
CA LYS H 77 -22.97 15.18 6.91
C LYS H 77 -21.76 14.24 6.89
N CYS H 78 -21.44 13.54 7.98
CA CYS H 78 -20.13 12.86 8.10
C CYS H 78 -20.30 11.35 8.06
N HIS H 79 -21.49 10.78 8.28
CA HIS H 79 -21.68 9.33 8.24
C HIS H 79 -21.18 8.73 6.93
N LYS H 80 -20.22 7.82 7.05
CA LYS H 80 -19.59 7.03 5.95
C LYS H 80 -18.76 7.92 5.03
N LYS H 81 -18.42 9.13 5.42
CA LYS H 81 -17.44 10.01 4.73
C LYS H 81 -16.05 9.37 4.87
N ASN H 82 -15.18 9.72 3.94
CA ASN H 82 -13.82 9.13 3.84
C ASN H 82 -12.86 9.74 4.88
N MET H 83 -12.08 8.88 5.50
CA MET H 83 -10.88 9.26 6.25
C MET H 83 -9.83 8.18 5.94
N LYS H 84 -8.79 8.56 5.23
CA LYS H 84 -7.64 7.67 4.98
C LYS H 84 -8.17 6.33 4.42
N ASP H 85 -9.03 6.41 3.41
CA ASP H 85 -9.56 5.23 2.65
C ASP H 85 -10.46 4.34 3.51
N ARG H 86 -10.95 4.84 4.63
CA ARG H 86 -12.03 4.21 5.41
C ARG H 86 -13.31 5.00 5.22
N TYR H 87 -14.39 4.26 5.30
CA TYR H 87 -15.77 4.80 5.41
C TYR H 87 -16.10 4.89 6.90
N VAL H 88 -15.92 6.06 7.49
CA VAL H 88 -16.08 6.17 8.98
C VAL H 88 -17.55 6.43 9.29
N GLU H 89 -18.13 5.51 10.05
CA GLU H 89 -19.54 5.65 10.51
C GLU H 89 -19.66 6.70 11.61
N VAL H 90 -20.73 7.46 11.55
CA VAL H 90 -21.06 8.51 12.54
C VAL H 90 -22.50 8.26 12.99
N PHE H 91 -22.65 7.78 14.21
CA PHE H 91 -23.93 7.35 14.81
C PHE H 91 -24.32 8.25 15.98
N GLN H 92 -25.47 8.86 15.88
CA GLN H 92 -26.04 9.73 16.94
C GLN H 92 -26.55 8.85 18.10
N CYS H 93 -26.10 9.17 19.32
CA CYS H 93 -26.38 8.32 20.49
C CYS H 93 -26.48 9.16 21.74
N SER H 94 -26.89 8.53 22.82
CA SER H 94 -27.01 9.22 24.12
C SER H 94 -25.76 9.05 24.98
N ALA H 95 -25.59 9.89 25.99
CA ALA H 95 -24.49 9.77 26.96
C ALA H 95 -24.64 8.46 27.74
N GLU H 96 -25.87 8.01 28.01
CA GLU H 96 -26.00 6.69 28.72
C GLU H 96 -25.50 5.57 27.81
N GLU H 97 -25.81 5.64 26.51
CA GLU H 97 -25.28 4.60 25.59
C GLU H 97 -23.74 4.65 25.61
N MET H 98 -23.17 5.82 25.51
CA MET H 98 -21.70 5.99 25.56
C MET H 98 -21.15 5.38 26.86
N ASN H 99 -21.71 5.79 28.00
CA ASN H 99 -21.19 5.34 29.31
C ASN H 99 -21.38 3.83 29.47
N PHE H 100 -22.46 3.26 28.95
CA PHE H 100 -22.69 1.81 28.98
C PHE H 100 -21.55 1.10 28.24
N VAL H 101 -21.21 1.57 27.06
CA VAL H 101 -20.11 0.93 26.29
C VAL H 101 -18.80 1.12 27.06
N LEU H 102 -18.57 2.29 27.64
CA LEU H 102 -17.28 2.51 28.35
C LEU H 102 -17.14 1.56 29.55
N MET H 103 -18.22 1.03 30.12
CA MET H 103 -18.09 0.06 31.23
C MET H 103 -18.25 -1.37 30.72
N GLY H 104 -18.12 -1.58 29.42
CA GLY H 104 -18.06 -2.94 28.84
C GLY H 104 -19.35 -3.41 28.20
N GLY H 105 -20.39 -2.58 28.12
CA GLY H 105 -21.64 -2.96 27.46
C GLY H 105 -21.55 -2.99 25.94
N THR H 106 -22.50 -3.68 25.32
CA THR H 106 -22.67 -3.74 23.84
C THR H 106 -23.99 -3.07 23.50
N LEU H 107 -23.99 -2.04 22.66
CA LEU H 107 -25.26 -1.44 22.16
C LEU H 107 -25.93 -2.35 21.12
N ASN H 108 -27.23 -2.59 21.28
CA ASN H 108 -28.11 -3.34 20.33
C ASN H 108 -29.04 -2.32 19.66
N ARG H 109 -28.51 -1.17 19.31
CA ARG H 109 -29.21 -0.17 18.47
C ARG H 109 -28.19 0.24 17.42
N ASN H 110 -28.58 0.37 16.14
CA ASN H 110 -27.61 0.75 15.07
C ASN H 110 -28.28 1.70 14.08
#